data_2JED
#
_entry.id   2JED
#
_cell.length_a   152.172
_cell.length_b   152.172
_cell.length_c   74.837
_cell.angle_alpha   90.00
_cell.angle_beta   90.00
_cell.angle_gamma   120.00
#
_symmetry.space_group_name_H-M   'P 65'
#
loop_
_entity.id
_entity.type
_entity.pdbx_description
1 polymer 'PROTEIN KINASE C THETA'
2 non-polymer 3-(8-DIMETHYLAMINOMETHYL-6,7,8,9-TETRAHYDRO-PYRIDO[1,2-A]INDOL-10-YL)-4-(1-METHYL-1H-INDOL-3-YL)-PYRROLE-2,5-DIONE
3 non-polymer (4S)-2-METHYL-2,4-PENTANEDIOL
4 water water
#
_entity_poly.entity_id   1
_entity_poly.type   'polypeptide(L)'
_entity_poly.pdbx_seq_one_letter_code
;EPELNKERPSLQIKLKIEDFELHKMLGKGSFGKVFLAEFKKTNQFFAIKALKKDVVLMDDDVECTMVEKRVLSLAWEHPF
LTHMFCTFQTKENLFFVMEYLNGGDLMYHIQSCHKFDLSRATFYAAEIILGLQFLHSKGIVYRDLKLDNILLDKDGHIKI
ADFGMCKENMLGDAKTNEFCGTPDYIAPEILLGQKYNHSVDWWSFGVLLYEMLIGQSPFHGQDEEELFHSIRMDNPFYPR
WLEKEAKDLLVKLFVREPEKRLGVRGDIRQHPLFREINWEELERKEIDPPFRPKVKSPFDCSNFDKEFLNEKPRL(SEP)
FADRALINSMDQNMFRNF(SEP)FMNPGMERLISHHHHHH
;
_entity_poly.pdbx_strand_id   A,B
#
loop_
_chem_comp.id
_chem_comp.type
_chem_comp.name
_chem_comp.formula
LG8 non-polymer 3-(8-DIMETHYLAMINOMETHYL-6,7,8,9-TETRAHYDRO-PYRIDO[1,2-A]INDOL-10-YL)-4-(1-METHYL-1H-INDOL-3-YL)-PYRROLE-2,5-DIONE 'C28 H28 N4 O2 2'
MPD non-polymer (4S)-2-METHYL-2,4-PENTANEDIOL 'C6 H14 O2'
#
# COMPACT_ATOMS: atom_id res chain seq x y z
N LEU A 15 12.23 -18.83 18.10
CA LEU A 15 13.24 -17.74 18.28
C LEU A 15 13.32 -17.28 19.74
N LYS A 16 13.17 -15.97 19.93
CA LYS A 16 13.24 -15.31 21.22
C LYS A 16 12.27 -14.12 21.21
N ILE A 17 11.42 -14.02 22.24
CA ILE A 17 10.51 -12.89 22.41
C ILE A 17 11.23 -11.55 22.70
N GLU A 18 12.51 -11.64 23.08
CA GLU A 18 13.37 -10.46 23.30
C GLU A 18 13.77 -9.79 21.98
N ASP A 19 13.57 -10.50 20.87
CA ASP A 19 13.82 -9.96 19.53
C ASP A 19 12.71 -9.01 19.11
N PHE A 20 11.66 -8.94 19.94
CA PHE A 20 10.49 -8.12 19.68
C PHE A 20 10.32 -7.06 20.75
N GLU A 21 9.82 -5.89 20.34
CA GLU A 21 9.36 -4.88 21.27
C GLU A 21 7.82 -4.97 21.25
N LEU A 22 7.23 -5.25 22.40
CA LEU A 22 5.77 -5.31 22.51
C LEU A 22 5.21 -3.92 22.78
N HIS A 23 4.66 -3.30 21.74
CA HIS A 23 4.15 -1.92 21.79
C HIS A 23 2.77 -1.74 22.45
N LYS A 24 1.81 -2.60 22.08
CA LYS A 24 0.43 -2.52 22.54
C LYS A 24 -0.13 -3.90 22.76
N MET A 25 -1.11 -3.99 23.68
CA MET A 25 -2.01 -5.12 23.73
C MET A 25 -3.20 -4.80 22.83
N LEU A 26 -3.33 -5.55 21.75
CA LEU A 26 -4.43 -5.35 20.80
C LEU A 26 -5.73 -5.83 21.44
N GLY A 27 -5.66 -6.95 22.14
CA GLY A 27 -6.80 -7.52 22.78
C GLY A 27 -6.46 -8.68 23.69
N LYS A 28 -7.46 -9.06 24.49
CA LYS A 28 -7.35 -10.09 25.50
C LYS A 28 -8.69 -10.83 25.53
N GLY A 29 -8.65 -12.16 25.66
CA GLY A 29 -9.92 -12.91 25.66
C GLY A 29 -9.78 -14.41 25.52
N SER A 30 -10.77 -15.04 24.89
CA SER A 30 -10.80 -16.50 24.68
C SER A 30 -9.63 -16.99 23.82
N PHE A 31 -9.00 -16.05 23.10
CA PHE A 31 -7.83 -16.32 22.26
C PHE A 31 -6.52 -16.03 22.99
N GLY A 32 -6.60 -15.68 24.27
CA GLY A 32 -5.41 -15.37 25.08
C GLY A 32 -5.13 -13.89 25.05
N LYS A 33 -3.89 -13.53 24.74
CA LYS A 33 -3.48 -12.13 24.59
C LYS A 33 -2.79 -11.95 23.23
N VAL A 34 -3.11 -10.86 22.55
CA VAL A 34 -2.48 -10.54 21.26
C VAL A 34 -1.87 -9.15 21.33
N PHE A 35 -0.57 -9.07 21.03
CA PHE A 35 0.18 -7.84 21.08
C PHE A 35 0.57 -7.33 19.69
N LEU A 36 0.56 -6.01 19.53
CA LEU A 36 1.31 -5.36 18.45
C LEU A 36 2.83 -5.42 18.77
N ALA A 37 3.57 -6.14 17.94
CA ALA A 37 5.00 -6.39 18.15
C ALA A 37 5.85 -5.93 16.96
N GLU A 38 7.00 -5.35 17.26
CA GLU A 38 7.96 -4.94 16.24
C GLU A 38 9.23 -5.79 16.38
N PHE A 39 9.63 -6.44 15.29
CA PHE A 39 10.95 -7.11 15.21
C PHE A 39 12.01 -6.02 15.30
N LYS A 40 12.84 -6.09 16.34
CA LYS A 40 13.69 -4.97 16.81
C LYS A 40 14.25 -3.89 15.85
N LYS A 41 14.83 -4.18 14.68
CA LYS A 41 15.92 -5.08 14.29
C LYS A 41 15.78 -5.06 12.77
N THR A 42 14.52 -4.90 12.37
CA THR A 42 14.07 -4.88 11.00
C THR A 42 12.91 -3.90 10.90
N ASN A 43 12.29 -3.62 12.04
CA ASN A 43 11.19 -2.63 12.13
C ASN A 43 9.90 -3.09 11.42
N GLN A 44 9.75 -4.40 11.34
CA GLN A 44 8.58 -5.05 10.79
C GLN A 44 7.65 -5.36 11.93
N PHE A 45 6.37 -5.15 11.68
CA PHE A 45 5.35 -5.30 12.70
C PHE A 45 4.61 -6.60 12.50
N PHE A 46 4.22 -7.21 13.63
CA PHE A 46 3.56 -8.50 13.66
C PHE A 46 2.49 -8.43 14.74
N ALA A 47 1.59 -9.42 14.76
CA ALA A 47 0.70 -9.59 15.89
C ALA A 47 1.20 -10.85 16.58
N ILE A 48 1.30 -10.84 17.90
CA ILE A 48 1.81 -12.01 18.58
C ILE A 48 0.79 -12.45 19.60
N LYS A 49 0.29 -13.67 19.42
CA LYS A 49 -0.57 -14.34 20.37
C LYS A 49 0.32 -14.99 21.40
N ALA A 50 0.05 -14.69 22.66
CA ALA A 50 0.81 -15.24 23.80
C ALA A 50 -0.13 -16.05 24.70
N LEU A 51 0.30 -17.24 25.08
CA LEU A 51 -0.41 -18.08 26.04
C LEU A 51 0.50 -18.45 27.20
N LYS A 52 -0.05 -18.47 28.41
CA LYS A 52 0.59 -19.04 29.59
C LYS A 52 0.33 -20.55 29.64
N LYS A 53 1.39 -21.35 29.70
CA LYS A 53 1.27 -22.82 29.73
C LYS A 53 0.49 -23.41 30.94
N ASP A 54 0.63 -22.78 32.11
CA ASP A 54 -0.12 -23.19 33.30
C ASP A 54 -1.62 -22.87 33.17
N VAL A 55 -1.92 -21.74 32.52
CA VAL A 55 -3.31 -21.31 32.30
C VAL A 55 -3.98 -22.26 31.31
N VAL A 56 -3.25 -22.60 30.25
CA VAL A 56 -3.67 -23.60 29.27
C VAL A 56 -3.96 -24.97 29.90
N LEU A 57 -3.11 -25.39 30.83
CA LEU A 57 -3.32 -26.65 31.56
C LEU A 57 -4.48 -26.61 32.58
N MET A 58 -4.61 -25.51 33.30
CA MET A 58 -5.78 -25.25 34.15
C MET A 58 -7.10 -25.34 33.33
N ASP A 59 -7.15 -24.60 32.22
CA ASP A 59 -8.33 -24.56 31.32
C ASP A 59 -8.58 -25.88 30.59
N ASP A 60 -7.63 -26.81 30.68
CA ASP A 60 -7.70 -28.11 29.99
C ASP A 60 -7.71 -27.95 28.46
N ASP A 61 -6.84 -27.07 27.97
CA ASP A 61 -6.83 -26.64 26.57
C ASP A 61 -5.53 -26.93 25.80
N VAL A 62 -4.82 -27.99 26.21
CA VAL A 62 -3.54 -28.37 25.60
C VAL A 62 -3.73 -28.83 24.15
N GLU A 63 -4.75 -29.66 23.93
CA GLU A 63 -5.06 -30.17 22.59
C GLU A 63 -5.61 -29.08 21.66
N CYS A 64 -6.36 -28.14 22.24
CA CYS A 64 -6.85 -26.94 21.57
C CYS A 64 -5.74 -26.07 21.01
N THR A 65 -4.70 -25.90 21.81
CA THR A 65 -3.55 -25.10 21.47
C THR A 65 -2.82 -25.74 20.30
N MET A 66 -2.67 -27.07 20.34
CA MET A 66 -1.92 -27.80 19.32
C MET A 66 -2.65 -27.83 17.98
N VAL A 67 -3.98 -27.98 18.02
CA VAL A 67 -4.83 -27.92 16.82
C VAL A 67 -4.71 -26.55 16.16
N GLU A 68 -4.76 -25.49 16.97
CA GLU A 68 -4.66 -24.13 16.46
C GLU A 68 -3.32 -23.91 15.75
N LYS A 69 -2.24 -24.41 16.33
CA LYS A 69 -0.89 -24.36 15.74
C LYS A 69 -0.78 -25.18 14.44
N ARG A 70 -1.33 -26.39 14.43
CA ARG A 70 -1.35 -27.21 13.24
C ARG A 70 -2.16 -26.60 12.09
N VAL A 71 -3.34 -26.05 12.40
CA VAL A 71 -4.19 -25.37 11.41
C VAL A 71 -3.49 -24.11 10.89
N LEU A 72 -2.96 -23.29 11.80
CA LEU A 72 -2.18 -22.10 11.41
C LEU A 72 -0.96 -22.43 10.53
N SER A 73 -0.40 -23.64 10.69
CA SER A 73 0.69 -24.17 9.86
C SER A 73 0.35 -24.29 8.39
N LEU A 74 -0.93 -24.49 8.09
CA LEU A 74 -1.42 -24.67 6.72
C LEU A 74 -1.85 -23.34 6.09
N ALA A 75 -2.04 -22.32 6.94
CA ALA A 75 -2.79 -21.12 6.56
C ALA A 75 -2.12 -20.25 5.49
N TRP A 76 -0.78 -20.28 5.45
CA TRP A 76 0.02 -19.52 4.47
C TRP A 76 -0.28 -19.93 3.02
N GLU A 77 -0.88 -21.10 2.85
CA GLU A 77 -1.24 -21.66 1.54
C GLU A 77 -2.49 -20.98 0.94
N HIS A 78 -3.23 -20.26 1.77
CA HIS A 78 -4.41 -19.55 1.27
C HIS A 78 -4.36 -18.06 1.58
N PRO A 79 -4.73 -17.20 0.60
CA PRO A 79 -4.73 -15.75 0.78
C PRO A 79 -5.76 -15.17 1.79
N PHE A 80 -6.85 -15.90 2.04
CA PHE A 80 -7.96 -15.36 2.84
C PHE A 80 -8.00 -15.87 4.28
N LEU A 81 -6.90 -16.48 4.71
CA LEU A 81 -6.66 -16.84 6.10
C LEU A 81 -5.51 -16.01 6.64
N THR A 82 -5.62 -15.64 7.90
CA THR A 82 -4.57 -14.97 8.65
C THR A 82 -3.27 -15.81 8.61
N HIS A 83 -2.15 -15.24 8.14
CA HIS A 83 -0.88 -15.99 8.07
C HIS A 83 -0.05 -16.04 9.38
N MET A 84 0.45 -17.24 9.68
CA MET A 84 1.37 -17.44 10.81
C MET A 84 2.80 -17.62 10.28
N PHE A 85 3.71 -16.82 10.81
CA PHE A 85 5.12 -16.85 10.40
C PHE A 85 5.95 -17.82 11.22
N CYS A 86 5.80 -17.79 12.54
CA CYS A 86 6.45 -18.79 13.38
C CYS A 86 5.82 -18.99 14.76
N THR A 87 6.17 -20.14 15.32
CA THR A 87 5.67 -20.66 16.56
C THR A 87 6.88 -21.09 17.41
N PHE A 88 6.94 -20.60 18.65
CA PHE A 88 8.00 -21.00 19.58
C PHE A 88 7.52 -20.90 21.02
N GLN A 89 8.22 -21.59 21.90
CA GLN A 89 7.81 -21.68 23.28
C GLN A 89 8.95 -21.40 24.26
N THR A 90 8.56 -20.99 25.46
CA THR A 90 9.48 -20.81 26.59
C THR A 90 9.06 -21.82 27.67
N LYS A 91 9.75 -21.83 28.81
CA LYS A 91 9.30 -22.64 29.95
C LYS A 91 7.85 -22.33 30.37
N GLU A 92 7.49 -21.05 30.38
CA GLU A 92 6.17 -20.60 30.83
C GLU A 92 5.19 -20.27 29.68
N ASN A 93 5.73 -19.87 28.54
CA ASN A 93 4.96 -19.20 27.50
C ASN A 93 4.88 -19.96 26.16
N LEU A 94 3.76 -19.77 25.46
CA LEU A 94 3.64 -20.16 24.04
C LEU A 94 3.41 -18.92 23.21
N PHE A 95 4.13 -18.79 22.10
CA PHE A 95 4.05 -17.61 21.21
C PHE A 95 3.74 -17.99 19.76
N PHE A 96 2.79 -17.29 19.14
CA PHE A 96 2.48 -17.43 17.71
C PHE A 96 2.76 -16.08 17.06
N VAL A 97 3.71 -16.03 16.13
CA VAL A 97 3.98 -14.77 15.41
C VAL A 97 3.17 -14.68 14.11
N MET A 98 2.23 -13.73 14.08
CA MET A 98 1.24 -13.60 13.02
C MET A 98 1.40 -12.31 12.22
N GLU A 99 0.87 -12.34 11.00
CA GLU A 99 0.55 -11.16 10.21
C GLU A 99 -0.26 -10.15 11.05
N TYR A 100 0.16 -8.88 11.02
CA TYR A 100 -0.54 -7.78 11.67
C TYR A 100 -1.55 -7.12 10.74
N LEU A 101 -2.82 -7.12 11.15
CA LEU A 101 -3.90 -6.56 10.39
C LEU A 101 -4.60 -5.48 11.19
N ASN A 102 -4.28 -4.21 10.96
CA ASN A 102 -5.00 -3.17 11.68
C ASN A 102 -6.13 -2.53 10.90
N GLY A 103 -6.50 -3.15 9.78
CA GLY A 103 -7.59 -2.70 8.93
C GLY A 103 -8.99 -2.85 9.50
N GLY A 104 -9.11 -3.57 10.62
CA GLY A 104 -10.39 -3.69 11.30
C GLY A 104 -11.12 -4.97 10.93
N ASP A 105 -11.99 -5.41 11.82
CA ASP A 105 -12.84 -6.56 11.57
C ASP A 105 -14.20 -6.11 11.04
N LEU A 106 -14.93 -7.01 10.37
CA LEU A 106 -16.24 -6.71 9.75
C LEU A 106 -17.31 -6.28 10.75
N MET A 107 -17.27 -6.83 11.97
CA MET A 107 -18.18 -6.39 13.03
C MET A 107 -17.98 -4.93 13.35
N TYR A 108 -16.73 -4.51 13.53
CA TYR A 108 -16.43 -3.12 13.79
C TYR A 108 -16.88 -2.18 12.67
N HIS A 109 -16.57 -2.56 11.44
CA HIS A 109 -16.96 -1.78 10.27
C HIS A 109 -18.46 -1.70 10.07
N ILE A 110 -19.18 -2.79 10.32
CA ILE A 110 -20.64 -2.80 10.15
C ILE A 110 -21.37 -1.92 11.18
N GLN A 111 -20.78 -1.70 12.36
CA GLN A 111 -21.33 -0.80 13.37
C GLN A 111 -21.48 0.62 12.86
N SER A 112 -20.52 1.06 12.05
CA SER A 112 -20.55 2.40 11.49
C SER A 112 -21.68 2.52 10.46
N CYS A 113 -21.75 1.59 9.51
CA CYS A 113 -22.70 1.75 8.41
C CYS A 113 -24.03 1.00 8.56
N HIS A 114 -24.15 0.19 9.62
CA HIS A 114 -25.35 -0.62 9.96
C HIS A 114 -25.46 -1.92 9.15
N LYS A 115 -25.37 -1.82 7.83
CA LYS A 115 -25.34 -3.00 6.96
C LYS A 115 -24.46 -2.71 5.75
N PHE A 116 -23.99 -3.74 5.08
CA PHE A 116 -23.16 -3.55 3.89
C PHE A 116 -24.04 -3.52 2.66
N ASP A 117 -23.67 -2.75 1.64
CA ASP A 117 -24.45 -2.79 0.40
C ASP A 117 -24.27 -4.12 -0.30
N LEU A 118 -25.24 -4.47 -1.11
CA LEU A 118 -25.35 -5.78 -1.75
C LEU A 118 -24.05 -6.26 -2.41
N SER A 119 -23.39 -5.40 -3.19
CA SER A 119 -22.17 -5.81 -3.89
C SER A 119 -20.98 -6.00 -2.95
N ARG A 120 -20.94 -5.19 -1.90
CA ARG A 120 -19.96 -5.33 -0.85
C ARG A 120 -20.15 -6.63 -0.05
N ALA A 121 -21.38 -6.88 0.44
CA ALA A 121 -21.70 -8.14 1.11
C ALA A 121 -21.44 -9.39 0.25
N THR A 122 -21.73 -9.25 -1.05
CA THR A 122 -21.53 -10.35 -2.04
C THR A 122 -20.06 -10.69 -2.21
N PHE A 123 -19.21 -9.67 -2.21
CA PHE A 123 -17.77 -9.85 -2.34
C PHE A 123 -17.19 -10.54 -1.09
N TYR A 124 -17.55 -10.05 0.11
CA TYR A 124 -17.13 -10.70 1.38
C TYR A 124 -17.60 -12.14 1.45
N ALA A 125 -18.86 -12.38 1.13
CA ALA A 125 -19.42 -13.74 1.09
C ALA A 125 -18.63 -14.66 0.18
N ALA A 126 -18.28 -14.16 -1.01
CA ALA A 126 -17.50 -14.93 -1.98
C ALA A 126 -16.07 -15.29 -1.53
N GLU A 127 -15.35 -14.34 -0.95
CA GLU A 127 -14.02 -14.62 -0.39
C GLU A 127 -14.07 -15.58 0.81
N ILE A 128 -15.10 -15.44 1.65
CA ILE A 128 -15.31 -16.34 2.79
C ILE A 128 -15.57 -17.77 2.31
N ILE A 129 -16.44 -17.91 1.31
CA ILE A 129 -16.62 -19.20 0.61
C ILE A 129 -15.30 -19.86 0.19
N LEU A 130 -14.40 -19.09 -0.45
CA LEU A 130 -13.08 -19.59 -0.85
C LEU A 130 -12.22 -20.00 0.34
N GLY A 131 -12.26 -19.21 1.40
CA GLY A 131 -11.51 -19.52 2.63
C GLY A 131 -12.03 -20.77 3.31
N LEU A 132 -13.36 -20.89 3.43
CA LEU A 132 -14.01 -22.06 4.06
C LEU A 132 -13.82 -23.33 3.26
N GLN A 133 -14.02 -23.24 1.95
CA GLN A 133 -13.82 -24.41 1.07
C GLN A 133 -12.37 -24.89 1.07
N PHE A 134 -11.43 -23.97 1.27
CA PHE A 134 -10.03 -24.37 1.40
C PHE A 134 -9.77 -25.16 2.69
N LEU A 135 -10.34 -24.69 3.80
CA LEU A 135 -10.24 -25.36 5.09
C LEU A 135 -10.90 -26.72 5.08
N HIS A 136 -12.08 -26.82 4.44
CA HIS A 136 -12.78 -28.12 4.36
C HIS A 136 -12.03 -29.14 3.51
N SER A 137 -11.36 -28.67 2.46
CA SER A 137 -10.51 -29.57 1.63
C SER A 137 -9.31 -30.17 2.39
N LYS A 138 -8.88 -29.49 3.46
CA LYS A 138 -7.79 -29.95 4.34
C LYS A 138 -8.34 -30.77 5.50
N GLY A 139 -9.66 -30.91 5.56
CA GLY A 139 -10.31 -31.73 6.58
C GLY A 139 -10.54 -30.96 7.86
N ILE A 140 -10.67 -29.64 7.72
CA ILE A 140 -10.85 -28.75 8.87
C ILE A 140 -12.26 -28.16 8.89
N VAL A 141 -12.96 -28.38 9.99
CA VAL A 141 -14.20 -27.66 10.27
C VAL A 141 -13.83 -26.52 11.21
N TYR A 142 -14.24 -25.31 10.84
CA TYR A 142 -13.80 -24.07 11.48
C TYR A 142 -14.58 -23.76 12.78
N ARG A 143 -15.91 -23.88 12.71
CA ARG A 143 -16.84 -23.83 13.86
C ARG A 143 -17.03 -22.49 14.58
N ASP A 144 -16.22 -21.49 14.26
CA ASP A 144 -16.34 -20.18 14.94
C ASP A 144 -16.55 -19.04 13.97
N LEU A 145 -17.20 -19.32 12.84
CA LEU A 145 -17.46 -18.29 11.84
C LEU A 145 -18.38 -17.21 12.40
N LYS A 146 -17.92 -15.97 12.32
CA LYS A 146 -18.62 -14.82 12.84
C LYS A 146 -17.96 -13.53 12.32
N LEU A 147 -18.73 -12.44 12.23
CA LEU A 147 -18.23 -11.15 11.71
C LEU A 147 -17.00 -10.58 12.42
N ASP A 148 -16.86 -10.86 13.72
CA ASP A 148 -15.69 -10.44 14.51
C ASP A 148 -14.41 -11.16 14.07
N ASN A 149 -14.53 -12.37 13.51
CA ASN A 149 -13.37 -13.14 13.10
C ASN A 149 -12.93 -12.90 11.65
N ILE A 150 -13.57 -11.95 11.00
CA ILE A 150 -13.20 -11.60 9.62
C ILE A 150 -12.52 -10.24 9.63
N LEU A 151 -11.22 -10.26 9.38
CA LEU A 151 -10.41 -9.03 9.29
C LEU A 151 -10.27 -8.57 7.83
N LEU A 152 -9.99 -7.28 7.66
CA LEU A 152 -9.62 -6.73 6.36
C LEU A 152 -8.13 -6.50 6.28
N ASP A 153 -7.51 -6.93 5.17
CA ASP A 153 -6.13 -6.54 4.90
C ASP A 153 -6.11 -5.11 4.36
N LYS A 154 -4.93 -4.58 4.08
CA LYS A 154 -4.78 -3.16 3.74
C LYS A 154 -5.49 -2.76 2.42
N ASP A 155 -5.73 -3.74 1.54
CA ASP A 155 -6.43 -3.55 0.26
C ASP A 155 -7.94 -3.79 0.32
N GLY A 156 -8.41 -4.45 1.39
CA GLY A 156 -9.82 -4.68 1.62
C GLY A 156 -10.26 -6.11 1.33
N HIS A 157 -9.31 -7.02 1.11
CA HIS A 157 -9.60 -8.45 1.03
C HIS A 157 -9.73 -9.02 2.43
N ILE A 158 -10.51 -10.09 2.57
CA ILE A 158 -10.82 -10.63 3.91
C ILE A 158 -9.72 -11.51 4.44
N LYS A 159 -9.64 -11.60 5.77
CA LYS A 159 -8.79 -12.58 6.42
C LYS A 159 -9.56 -13.26 7.56
N ILE A 160 -9.83 -14.55 7.41
CA ILE A 160 -10.41 -15.34 8.51
C ILE A 160 -9.34 -15.54 9.62
N ALA A 161 -9.67 -15.09 10.83
CA ALA A 161 -8.80 -15.19 12.02
C ALA A 161 -9.37 -16.14 13.08
N ASP A 162 -8.52 -16.52 14.04
CA ASP A 162 -8.88 -17.34 15.22
C ASP A 162 -9.28 -18.78 14.89
N PHE A 163 -8.29 -19.66 14.94
CA PHE A 163 -8.50 -21.07 14.62
C PHE A 163 -8.57 -21.96 15.85
N GLY A 164 -8.96 -21.36 16.98
CA GLY A 164 -8.99 -22.04 18.27
C GLY A 164 -10.16 -22.97 18.55
N MET A 165 -11.12 -23.04 17.62
CA MET A 165 -12.25 -23.95 17.75
C MET A 165 -12.34 -25.02 16.65
N CYS A 166 -11.30 -25.16 15.83
CA CYS A 166 -11.32 -26.06 14.67
C CYS A 166 -11.30 -27.55 15.06
N LYS A 167 -11.92 -28.36 14.19
CA LYS A 167 -11.80 -29.80 14.24
C LYS A 167 -10.99 -30.26 13.02
N GLU A 168 -10.10 -31.22 13.24
CA GLU A 168 -8.98 -31.49 12.35
C GLU A 168 -9.02 -32.69 11.40
N ASN A 169 -9.81 -33.72 11.68
CA ASN A 169 -9.69 -34.91 10.83
C ASN A 169 -11.00 -35.29 10.15
N MET A 170 -11.57 -34.32 9.44
CA MET A 170 -12.93 -34.40 8.95
C MET A 170 -13.02 -34.64 7.44
N LEU A 171 -12.34 -35.68 6.95
CA LEU A 171 -12.44 -36.02 5.54
C LEU A 171 -13.54 -37.04 5.29
N GLY A 172 -14.37 -36.76 4.27
CA GLY A 172 -15.38 -37.69 3.82
C GLY A 172 -16.52 -37.91 4.81
N ASP A 173 -16.58 -39.11 5.36
CA ASP A 173 -17.68 -39.52 6.22
C ASP A 173 -17.52 -39.19 7.71
N ALA A 174 -16.40 -38.53 8.06
CA ALA A 174 -16.06 -38.22 9.45
C ALA A 174 -17.00 -37.19 10.11
N LYS A 175 -17.37 -37.48 11.35
CA LYS A 175 -18.30 -36.66 12.14
C LYS A 175 -17.77 -36.36 13.54
N THR A 176 -18.27 -35.30 14.17
CA THR A 176 -17.92 -34.99 15.56
C THR A 176 -19.14 -34.55 16.36
N ASN A 177 -18.90 -34.28 17.64
CA ASN A 177 -19.96 -34.23 18.64
C ASN A 177 -19.96 -33.00 19.55
N GLU A 178 -18.86 -32.23 19.56
CA GLU A 178 -18.69 -31.16 20.55
C GLU A 178 -19.69 -30.00 20.43
N PHE A 179 -20.14 -29.50 21.58
CA PHE A 179 -20.98 -28.32 21.64
C PHE A 179 -20.08 -27.07 21.57
N CYS A 180 -19.74 -26.41 20.54
CA CYS A 180 -18.81 -25.34 20.18
C CYS A 180 -19.53 -24.22 19.43
N GLY A 181 -19.31 -23.13 19.57
CA GLY A 181 -19.80 -22.00 18.79
C GLY A 181 -20.08 -20.73 19.55
N THR A 182 -20.60 -19.75 18.83
CA THR A 182 -21.06 -18.47 19.36
C THR A 182 -22.58 -18.46 19.16
N PRO A 183 -23.35 -18.10 20.21
CA PRO A 183 -24.81 -18.24 20.27
C PRO A 183 -25.60 -17.89 19.00
N ASP A 184 -25.41 -16.71 18.43
CA ASP A 184 -26.20 -16.31 17.26
C ASP A 184 -25.91 -17.17 16.02
N TYR A 185 -24.71 -17.75 15.96
CA TYR A 185 -24.21 -18.43 14.76
C TYR A 185 -24.24 -19.95 14.82
N ILE A 186 -24.59 -20.52 15.97
CA ILE A 186 -24.54 -21.97 16.18
C ILE A 186 -25.64 -22.74 15.41
N ALA A 187 -25.21 -23.81 14.75
CA ALA A 187 -26.08 -24.61 13.90
C ALA A 187 -27.09 -25.43 14.69
N PRO A 188 -28.33 -25.60 14.15
CA PRO A 188 -29.37 -26.39 14.84
C PRO A 188 -28.96 -27.82 15.14
N GLU A 189 -28.16 -28.44 14.26
CA GLU A 189 -27.70 -29.81 14.49
C GLU A 189 -26.74 -29.93 15.70
N ILE A 190 -26.01 -28.86 16.00
CA ILE A 190 -25.21 -28.81 17.24
C ILE A 190 -26.17 -28.71 18.44
N LEU A 191 -27.14 -27.80 18.36
CA LEU A 191 -28.20 -27.66 19.39
C LEU A 191 -29.05 -28.91 19.69
N LEU A 192 -29.16 -29.83 18.72
CA LEU A 192 -29.90 -31.08 18.88
C LEU A 192 -28.99 -32.25 19.30
N GLY A 193 -27.72 -31.94 19.56
CA GLY A 193 -26.77 -32.93 20.05
C GLY A 193 -26.40 -33.99 19.03
N GLN A 194 -26.51 -33.65 17.75
CA GLN A 194 -26.24 -34.60 16.67
C GLN A 194 -24.77 -34.63 16.30
N LYS A 195 -24.33 -35.75 15.74
CA LYS A 195 -23.03 -35.84 15.10
C LYS A 195 -23.08 -34.95 13.85
N TYR A 196 -22.00 -34.20 13.59
CA TYR A 196 -22.01 -33.20 12.52
C TYR A 196 -20.68 -33.10 11.77
N ASN A 197 -20.74 -32.53 10.56
CA ASN A 197 -19.54 -32.22 9.77
C ASN A 197 -19.48 -30.74 9.41
N HIS A 198 -18.91 -30.40 8.25
CA HIS A 198 -18.72 -29.00 7.81
C HIS A 198 -20.02 -28.24 7.54
N SER A 199 -21.14 -28.96 7.58
CA SER A 199 -22.46 -28.37 7.45
C SER A 199 -22.66 -27.21 8.42
N VAL A 200 -22.05 -27.30 9.60
CA VAL A 200 -22.25 -26.28 10.64
C VAL A 200 -21.64 -24.95 10.21
N ASP A 201 -20.54 -25.02 9.46
CA ASP A 201 -19.88 -23.83 8.88
C ASP A 201 -20.76 -23.11 7.88
N TRP A 202 -21.56 -23.86 7.11
CA TRP A 202 -22.48 -23.27 6.11
C TRP A 202 -23.73 -22.64 6.73
N TRP A 203 -24.20 -23.20 7.86
CA TRP A 203 -25.21 -22.51 8.67
C TRP A 203 -24.66 -21.18 9.23
N SER A 204 -23.48 -21.19 9.84
CA SER A 204 -22.89 -19.94 10.37
C SER A 204 -22.67 -18.92 9.26
N PHE A 205 -22.32 -19.40 8.06
CA PHE A 205 -22.14 -18.56 6.86
C PHE A 205 -23.41 -17.82 6.50
N GLY A 206 -24.54 -18.52 6.59
CA GLY A 206 -25.86 -17.91 6.37
C GLY A 206 -26.16 -16.84 7.37
N VAL A 207 -25.83 -17.09 8.64
CA VAL A 207 -26.07 -16.11 9.71
C VAL A 207 -25.24 -14.86 9.44
N LEU A 208 -23.97 -15.07 9.12
CA LEU A 208 -23.05 -13.99 8.79
C LEU A 208 -23.47 -13.16 7.56
N LEU A 209 -23.83 -13.83 6.46
CA LEU A 209 -24.42 -13.18 5.29
C LEU A 209 -25.67 -12.40 5.60
N TYR A 210 -26.61 -13.03 6.30
CA TYR A 210 -27.82 -12.34 6.77
C TYR A 210 -27.49 -11.01 7.50
N GLU A 211 -26.59 -11.06 8.47
CA GLU A 211 -26.18 -9.86 9.22
C GLU A 211 -25.55 -8.76 8.35
N MET A 212 -24.70 -9.15 7.39
CA MET A 212 -24.08 -8.21 6.45
C MET A 212 -25.11 -7.47 5.64
N LEU A 213 -26.11 -8.21 5.15
CA LEU A 213 -27.14 -7.65 4.28
C LEU A 213 -28.18 -6.86 5.04
N ILE A 214 -28.51 -7.30 6.24
CA ILE A 214 -29.68 -6.79 6.96
C ILE A 214 -29.30 -5.98 8.19
N GLY A 215 -28.16 -6.30 8.78
CA GLY A 215 -27.68 -5.56 9.93
C GLY A 215 -28.31 -5.96 11.24
N GLN A 216 -28.93 -7.14 11.26
CA GLN A 216 -29.47 -7.77 12.49
C GLN A 216 -29.17 -9.23 12.39
N SER A 217 -29.20 -9.90 13.53
CA SER A 217 -29.14 -11.36 13.56
C SER A 217 -30.47 -11.98 13.11
N PRO A 218 -30.43 -13.10 12.39
CA PRO A 218 -31.69 -13.68 11.93
C PRO A 218 -32.58 -14.26 13.06
N PHE A 219 -31.96 -14.77 14.12
CA PHE A 219 -32.68 -15.37 15.25
C PHE A 219 -32.66 -14.49 16.49
N HIS A 220 -33.65 -14.64 17.36
CA HIS A 220 -33.82 -13.69 18.47
C HIS A 220 -34.30 -14.39 19.73
N GLY A 221 -33.96 -13.83 20.88
CA GLY A 221 -34.34 -14.38 22.17
C GLY A 221 -33.86 -13.44 23.25
N GLN A 222 -34.58 -13.39 24.37
CA GLN A 222 -34.17 -12.53 25.49
C GLN A 222 -33.00 -13.15 26.27
N ASP A 223 -32.89 -14.48 26.21
CA ASP A 223 -31.81 -15.22 26.85
C ASP A 223 -31.36 -16.33 25.91
N GLU A 224 -30.26 -16.99 26.25
CA GLU A 224 -29.62 -18.01 25.40
C GLU A 224 -30.60 -19.10 25.04
N GLU A 225 -31.43 -19.51 26.01
CA GLU A 225 -32.41 -20.57 25.86
C GLU A 225 -33.49 -20.25 24.81
N GLU A 226 -34.07 -19.06 24.89
CA GLU A 226 -35.05 -18.64 23.90
C GLU A 226 -34.39 -18.46 22.50
N LEU A 227 -33.13 -18.02 22.47
CA LEU A 227 -32.37 -17.89 21.22
C LEU A 227 -32.12 -19.23 20.56
N PHE A 228 -31.76 -20.24 21.36
CA PHE A 228 -31.59 -21.60 20.87
C PHE A 228 -32.88 -22.17 20.27
N HIS A 229 -34.02 -21.91 20.93
CA HIS A 229 -35.34 -22.24 20.39
C HIS A 229 -35.64 -21.53 19.07
N SER A 230 -35.27 -20.26 18.97
CA SER A 230 -35.42 -19.50 17.74
C SER A 230 -34.59 -20.13 16.59
N ILE A 231 -33.32 -20.42 16.86
CA ILE A 231 -32.47 -21.08 15.87
C ILE A 231 -33.05 -22.38 15.35
N ARG A 232 -33.65 -23.17 16.26
CA ARG A 232 -34.26 -24.45 15.92
C ARG A 232 -35.61 -24.37 15.21
N MET A 233 -36.36 -23.28 15.42
CA MET A 233 -37.80 -23.22 15.05
C MET A 233 -38.27 -22.12 14.09
N ASP A 234 -37.62 -20.94 14.17
CA ASP A 234 -38.16 -19.73 13.57
C ASP A 234 -37.75 -19.58 12.11
N ASN A 235 -38.54 -18.81 11.37
CA ASN A 235 -38.22 -18.45 10.00
C ASN A 235 -37.60 -17.07 10.04
N PRO A 236 -36.40 -16.91 9.47
CA PRO A 236 -35.82 -15.57 9.43
C PRO A 236 -36.67 -14.62 8.61
N PHE A 237 -36.65 -13.37 9.03
CA PHE A 237 -37.32 -12.29 8.34
C PHE A 237 -36.47 -11.80 7.15
N TYR A 238 -37.13 -11.65 6.00
CA TYR A 238 -36.51 -11.16 4.78
C TYR A 238 -37.25 -9.90 4.38
N PRO A 239 -36.57 -8.74 4.44
CA PRO A 239 -37.24 -7.48 4.15
C PRO A 239 -37.67 -7.40 2.72
N ARG A 240 -38.77 -6.67 2.48
CA ARG A 240 -39.37 -6.41 1.17
C ARG A 240 -38.35 -6.01 0.10
N TRP A 241 -37.39 -5.17 0.50
CA TRP A 241 -36.41 -4.59 -0.44
C TRP A 241 -35.26 -5.56 -0.77
N LEU A 242 -35.12 -6.64 -0.02
CA LEU A 242 -33.98 -7.54 -0.22
C LEU A 242 -33.96 -8.16 -1.62
N GLU A 243 -32.76 -8.17 -2.21
CA GLU A 243 -32.53 -8.75 -3.54
C GLU A 243 -32.95 -10.21 -3.52
N LYS A 244 -33.76 -10.58 -4.50
CA LYS A 244 -34.29 -11.93 -4.69
C LYS A 244 -33.29 -13.06 -4.55
N GLU A 245 -32.15 -12.91 -5.20
CA GLU A 245 -31.11 -13.94 -5.21
C GLU A 245 -30.42 -14.01 -3.86
N ALA A 246 -30.38 -12.90 -3.14
CA ALA A 246 -29.78 -12.88 -1.81
C ALA A 246 -30.71 -13.62 -0.85
N LYS A 247 -32.02 -13.36 -0.92
CA LYS A 247 -33.01 -14.15 -0.14
C LYS A 247 -32.91 -15.63 -0.47
N ASP A 248 -32.89 -15.94 -1.77
CA ASP A 248 -32.83 -17.33 -2.23
C ASP A 248 -31.63 -18.10 -1.68
N LEU A 249 -30.45 -17.48 -1.70
CA LEU A 249 -29.26 -18.09 -1.09
C LEU A 249 -29.45 -18.33 0.41
N LEU A 250 -29.92 -17.32 1.14
CA LEU A 250 -30.22 -17.45 2.58
C LEU A 250 -31.22 -18.57 2.90
N VAL A 251 -32.32 -18.63 2.13
CA VAL A 251 -33.31 -19.72 2.22
C VAL A 251 -32.65 -21.10 2.06
N LYS A 252 -31.72 -21.22 1.11
CA LYS A 252 -30.96 -22.46 0.88
C LYS A 252 -29.90 -22.84 1.93
N LEU A 253 -29.29 -21.85 2.59
CA LEU A 253 -28.39 -22.12 3.71
C LEU A 253 -29.15 -22.38 5.03
N PHE A 254 -30.28 -21.72 5.22
CA PHE A 254 -31.08 -21.96 6.43
C PHE A 254 -32.00 -23.20 6.35
N VAL A 255 -31.54 -24.25 5.65
CA VAL A 255 -32.18 -25.55 5.69
C VAL A 255 -31.64 -26.31 6.91
N ARG A 256 -32.53 -26.78 7.78
CA ARG A 256 -32.15 -27.36 9.08
C ARG A 256 -31.64 -28.80 8.99
N GLU A 257 -31.95 -29.46 7.88
CA GLU A 257 -31.41 -30.79 7.59
C GLU A 257 -30.06 -30.60 6.91
N PRO A 258 -28.96 -30.87 7.62
CA PRO A 258 -27.60 -30.55 7.18
C PRO A 258 -27.26 -31.08 5.79
N GLU A 259 -27.65 -32.31 5.49
CA GLU A 259 -27.36 -32.92 4.20
C GLU A 259 -28.14 -32.30 3.02
N LYS A 260 -29.08 -31.41 3.31
CA LYS A 260 -29.83 -30.69 2.27
C LYS A 260 -29.50 -29.20 2.17
N ARG A 261 -28.49 -28.77 2.92
CA ARG A 261 -28.03 -27.37 2.98
C ARG A 261 -27.05 -27.09 1.82
N LEU A 262 -27.16 -25.94 1.17
CA LEU A 262 -26.17 -25.51 0.16
C LEU A 262 -24.83 -25.38 0.86
N GLY A 263 -23.75 -25.80 0.20
CA GLY A 263 -22.42 -25.86 0.80
C GLY A 263 -22.06 -27.29 1.10
N VAL A 264 -23.05 -28.05 1.59
CA VAL A 264 -22.93 -29.50 1.77
C VAL A 264 -23.33 -30.23 0.48
N ARG A 265 -24.52 -29.90 -0.03
CA ARG A 265 -25.03 -30.38 -1.31
C ARG A 265 -24.80 -29.31 -2.38
N GLY A 266 -24.99 -29.66 -3.64
CA GLY A 266 -24.95 -28.69 -4.74
C GLY A 266 -23.62 -27.97 -4.88
N ASP A 267 -23.64 -26.81 -5.51
CA ASP A 267 -22.43 -26.04 -5.76
C ASP A 267 -22.72 -24.57 -5.50
N ILE A 268 -22.36 -24.11 -4.30
CA ILE A 268 -22.62 -22.74 -3.86
C ILE A 268 -22.03 -21.66 -4.80
N ARG A 269 -20.91 -21.98 -5.46
CA ARG A 269 -20.27 -21.04 -6.40
C ARG A 269 -21.16 -20.72 -7.59
N GLN A 270 -22.03 -21.67 -7.91
CA GLN A 270 -22.91 -21.55 -9.05
C GLN A 270 -24.23 -20.82 -8.72
N HIS A 271 -24.43 -20.42 -7.46
CA HIS A 271 -25.66 -19.71 -7.09
C HIS A 271 -25.74 -18.39 -7.86
N PRO A 272 -26.93 -18.04 -8.39
CA PRO A 272 -27.10 -16.78 -9.13
C PRO A 272 -26.62 -15.49 -8.43
N LEU A 273 -26.61 -15.45 -7.09
CA LEU A 273 -26.01 -14.32 -6.35
C LEU A 273 -24.57 -14.01 -6.80
N PHE A 274 -23.82 -15.06 -7.13
CA PHE A 274 -22.40 -14.96 -7.49
C PHE A 274 -22.16 -15.01 -8.99
N ARG A 275 -23.24 -14.86 -9.75
CA ARG A 275 -23.30 -14.85 -11.21
C ARG A 275 -22.12 -14.13 -11.88
N GLU A 276 -21.69 -13.02 -11.27
CA GLU A 276 -20.73 -12.10 -11.84
C GLU A 276 -19.35 -12.26 -11.21
N ILE A 277 -19.21 -13.24 -10.34
CA ILE A 277 -17.93 -13.55 -9.73
C ILE A 277 -17.17 -14.55 -10.61
N ASN A 278 -15.96 -14.14 -10.99
CA ASN A 278 -14.95 -15.04 -11.52
C ASN A 278 -14.13 -15.56 -10.32
N TRP A 279 -14.34 -16.83 -9.99
CA TRP A 279 -13.78 -17.46 -8.81
C TRP A 279 -12.26 -17.63 -8.88
N GLU A 280 -11.75 -17.81 -10.10
CA GLU A 280 -10.32 -17.95 -10.33
C GLU A 280 -9.61 -16.62 -10.04
N GLU A 281 -10.12 -15.53 -10.62
CA GLU A 281 -9.60 -14.18 -10.39
C GLU A 281 -9.69 -13.72 -8.95
N LEU A 282 -10.81 -14.05 -8.31
CA LEU A 282 -11.03 -13.72 -6.92
C LEU A 282 -9.99 -14.39 -6.03
N GLU A 283 -9.73 -15.67 -6.23
CA GLU A 283 -8.75 -16.38 -5.43
C GLU A 283 -7.28 -15.88 -5.65
N ARG A 284 -7.02 -15.31 -6.83
CA ARG A 284 -5.73 -14.66 -7.11
C ARG A 284 -5.70 -13.18 -6.68
N LYS A 285 -6.79 -12.71 -6.05
CA LYS A 285 -6.93 -11.31 -5.61
C LYS A 285 -6.86 -10.30 -6.78
N GLU A 286 -7.42 -10.71 -7.92
CA GLU A 286 -7.45 -9.85 -9.10
C GLU A 286 -8.76 -9.05 -9.22
N ILE A 287 -9.62 -9.17 -8.22
CA ILE A 287 -10.86 -8.39 -8.18
C ILE A 287 -10.71 -7.21 -7.20
N ASP A 288 -11.10 -6.00 -7.64
CA ASP A 288 -11.03 -4.82 -6.80
C ASP A 288 -11.98 -4.95 -5.60
N PRO A 289 -11.44 -4.95 -4.36
CA PRO A 289 -12.32 -4.88 -3.17
C PRO A 289 -13.27 -3.68 -3.23
N PRO A 290 -14.46 -3.81 -2.62
CA PRO A 290 -15.42 -2.73 -2.62
C PRO A 290 -15.03 -1.56 -1.72
N PHE A 291 -14.06 -1.78 -0.83
CA PHE A 291 -13.74 -0.83 0.22
C PHE A 291 -12.36 -1.17 0.72
N ARG A 292 -11.64 -0.13 1.15
CA ARG A 292 -10.28 -0.25 1.64
C ARG A 292 -10.23 0.51 2.99
N PRO A 293 -9.72 -0.14 4.07
CA PRO A 293 -9.59 0.66 5.31
C PRO A 293 -8.61 1.82 5.19
N LYS A 294 -8.87 2.89 5.94
CA LYS A 294 -7.93 4.01 6.06
C LYS A 294 -7.00 3.77 7.28
N VAL A 295 -5.70 3.74 7.01
CA VAL A 295 -4.71 3.33 7.98
C VAL A 295 -3.47 4.14 7.70
N LYS A 296 -3.07 5.01 8.64
CA LYS A 296 -1.95 5.90 8.46
C LYS A 296 -0.60 5.26 8.75
N SER A 297 -0.60 4.28 9.67
CA SER A 297 0.63 3.60 10.13
C SER A 297 0.24 2.32 10.88
N PRO A 298 1.24 1.49 11.27
CA PRO A 298 1.00 0.35 12.16
C PRO A 298 0.37 0.73 13.52
N PHE A 299 0.63 1.97 13.96
CA PHE A 299 0.11 2.47 15.22
C PHE A 299 -1.31 3.06 15.12
N ASP A 300 -1.85 3.19 13.91
CA ASP A 300 -3.20 3.71 13.70
C ASP A 300 -4.20 2.63 14.15
N CYS A 301 -4.95 2.94 15.21
CA CYS A 301 -5.94 2.02 15.81
C CYS A 301 -7.41 2.45 15.56
N SER A 302 -7.59 3.36 14.61
CA SER A 302 -8.90 3.85 14.16
C SER A 302 -9.94 2.80 13.75
N ASN A 303 -9.49 1.59 13.41
CA ASN A 303 -10.37 0.59 12.81
C ASN A 303 -10.78 -0.58 13.70
N PHE A 304 -10.39 -0.54 14.98
CA PHE A 304 -10.71 -1.62 15.89
C PHE A 304 -11.00 -1.13 17.31
N ASP A 305 -11.59 -2.02 18.11
CA ASP A 305 -11.95 -1.73 19.50
C ASP A 305 -10.70 -1.37 20.34
N LYS A 306 -10.78 -0.24 21.02
CA LYS A 306 -9.65 0.35 21.74
C LYS A 306 -9.50 -0.13 23.21
N GLU A 307 -10.35 -1.07 23.63
CA GLU A 307 -10.49 -1.47 25.04
C GLU A 307 -9.17 -1.75 25.81
N PHE A 308 -8.24 -2.47 25.19
CA PHE A 308 -7.02 -2.92 25.85
C PHE A 308 -5.75 -2.09 25.54
N LEU A 309 -5.90 -1.03 24.75
CA LEU A 309 -4.73 -0.35 24.15
C LEU A 309 -3.92 0.49 25.12
N ASN A 310 -4.54 0.88 26.24
CA ASN A 310 -3.83 1.57 27.33
C ASN A 310 -3.35 0.63 28.45
N GLU A 311 -3.43 -0.68 28.25
CA GLU A 311 -2.88 -1.63 29.22
C GLU A 311 -1.41 -1.88 28.89
N LYS A 312 -0.58 -2.01 29.92
CA LYS A 312 0.81 -2.29 29.75
C LYS A 312 0.96 -3.60 28.98
N PRO A 313 1.75 -3.59 27.90
CA PRO A 313 1.93 -4.71 26.99
C PRO A 313 2.79 -5.80 27.60
N ARG A 314 2.30 -6.35 28.70
CA ARG A 314 3.04 -7.27 29.53
C ARG A 314 2.49 -8.70 29.50
N LEU A 315 3.43 -9.65 29.53
CA LEU A 315 3.15 -11.04 29.88
C LEU A 315 2.99 -11.12 31.39
N SEP A 316 1.84 -11.61 31.86
CA SEP A 316 1.67 -11.71 33.31
CB SEP A 316 0.20 -11.52 33.74
OG SEP A 316 -0.70 -12.44 33.20
C SEP A 316 2.32 -12.95 33.95
O SEP A 316 2.83 -13.83 33.25
P SEP A 316 -2.17 -11.93 33.67
O1P SEP A 316 -3.15 -13.17 33.98
O2P SEP A 316 -2.81 -10.97 32.54
O3P SEP A 316 -2.04 -11.13 35.07
N PHE A 317 2.33 -12.96 35.28
CA PHE A 317 2.98 -13.99 36.06
C PHE A 317 2.25 -15.33 36.04
N ALA A 318 3.05 -16.39 35.95
CA ALA A 318 2.56 -17.75 35.95
C ALA A 318 2.68 -18.39 37.34
N ASP A 319 1.87 -19.43 37.58
CA ASP A 319 1.98 -20.30 38.76
C ASP A 319 3.27 -21.14 38.68
N ARG A 320 4.36 -20.56 39.20
CA ARG A 320 5.68 -21.18 39.19
C ARG A 320 5.71 -22.65 39.65
N ALA A 321 4.90 -22.93 40.70
CA ALA A 321 4.77 -24.28 41.24
C ALA A 321 4.24 -25.26 40.20
N LEU A 322 3.12 -24.90 39.55
CA LEU A 322 2.60 -25.73 38.45
C LEU A 322 3.56 -25.85 37.25
N ILE A 323 4.23 -24.76 36.87
CA ILE A 323 5.20 -24.80 35.77
C ILE A 323 6.40 -25.70 36.04
N ASN A 324 6.94 -25.67 37.27
CA ASN A 324 8.11 -26.48 37.58
C ASN A 324 7.79 -27.96 37.86
N SER A 325 6.50 -28.27 37.99
CA SER A 325 6.07 -29.65 38.31
C SER A 325 5.38 -30.36 37.14
N MET A 326 4.72 -29.60 36.26
CA MET A 326 4.06 -30.17 35.08
C MET A 326 5.03 -30.91 34.16
N ASP A 327 4.47 -31.84 33.38
CA ASP A 327 5.22 -32.51 32.31
C ASP A 327 5.58 -31.47 31.25
N GLN A 328 6.85 -31.48 30.82
CA GLN A 328 7.39 -30.46 29.93
C GLN A 328 7.13 -30.79 28.45
N ASN A 329 6.84 -32.05 28.16
CA ASN A 329 6.70 -32.51 26.76
C ASN A 329 5.28 -32.47 26.16
N MET A 330 4.37 -31.78 26.84
CA MET A 330 2.98 -31.63 26.37
C MET A 330 2.89 -30.73 25.16
N PHE A 331 3.84 -29.80 25.05
CA PHE A 331 3.85 -28.85 23.93
C PHE A 331 5.04 -29.11 23.02
N ARG A 332 5.39 -30.39 22.88
CA ARG A 332 6.37 -30.75 21.89
C ARG A 332 5.72 -30.88 20.51
N ASN A 333 6.55 -30.67 19.48
CA ASN A 333 6.08 -30.44 18.11
C ASN A 333 5.29 -29.14 17.98
N PHE A 334 5.48 -28.23 18.93
CA PHE A 334 4.82 -26.93 18.88
C PHE A 334 5.54 -26.00 17.92
N SEP A 335 6.86 -26.06 17.89
CA SEP A 335 7.66 -25.18 17.04
CB SEP A 335 9.13 -25.29 17.36
OG SEP A 335 9.38 -24.62 18.59
C SEP A 335 7.41 -25.37 15.54
O SEP A 335 7.14 -26.48 15.08
P SEP A 335 10.31 -25.57 19.55
O1P SEP A 335 9.59 -26.98 19.88
O2P SEP A 335 10.53 -24.72 20.92
O3P SEP A 335 11.73 -25.87 18.80
N PHE A 336 7.52 -24.27 14.81
CA PHE A 336 7.22 -24.22 13.38
C PHE A 336 7.79 -22.95 12.78
N MET A 337 8.29 -23.07 11.55
CA MET A 337 8.76 -21.94 10.78
C MET A 337 8.16 -21.95 9.37
N ASN A 338 7.35 -20.93 9.06
CA ASN A 338 6.85 -20.64 7.71
C ASN A 338 8.03 -20.44 6.75
N PRO A 339 8.07 -21.19 5.63
CA PRO A 339 9.20 -21.10 4.67
C PRO A 339 9.63 -19.65 4.37
N GLY A 340 10.89 -19.35 4.75
CA GLY A 340 11.45 -18.00 4.66
C GLY A 340 10.68 -16.98 5.50
N LEU B 15 39.10 25.66 -14.03
CA LEU B 15 39.36 24.78 -12.84
C LEU B 15 38.35 23.62 -12.65
N LYS B 16 38.92 22.44 -12.35
CA LYS B 16 38.20 21.27 -11.81
C LYS B 16 38.33 19.95 -12.61
N ILE B 17 37.33 19.09 -12.45
CA ILE B 17 37.22 17.69 -12.95
C ILE B 17 38.23 16.63 -12.44
N GLU B 18 39.50 17.00 -12.38
CA GLU B 18 40.53 16.17 -11.75
C GLU B 18 40.34 16.13 -10.22
N ASP B 19 39.51 17.06 -9.72
CA ASP B 19 39.22 17.17 -8.28
C ASP B 19 38.34 16.04 -7.76
N PHE B 20 37.78 15.25 -8.67
CA PHE B 20 36.84 14.18 -8.33
C PHE B 20 37.39 12.80 -8.69
N GLU B 21 37.16 11.84 -7.79
CA GLU B 21 37.29 10.42 -8.08
C GLU B 21 35.92 9.97 -8.61
N LEU B 22 35.88 9.45 -9.83
CA LEU B 22 34.65 8.86 -10.36
C LEU B 22 34.56 7.38 -10.00
N HIS B 23 33.68 7.08 -9.05
CA HIS B 23 33.52 5.75 -8.47
C HIS B 23 32.69 4.78 -9.29
N LYS B 24 31.67 5.31 -9.97
CA LYS B 24 30.63 4.48 -10.54
C LYS B 24 29.79 5.30 -11.52
N MET B 25 29.39 4.69 -12.63
CA MET B 25 28.38 5.29 -13.48
C MET B 25 26.98 4.97 -12.94
N LEU B 26 26.22 6.00 -12.59
CA LEU B 26 24.89 5.82 -12.03
C LEU B 26 23.93 5.34 -13.13
N GLY B 27 23.97 5.98 -14.28
CA GLY B 27 23.22 5.53 -15.41
C GLY B 27 23.47 6.37 -16.63
N LYS B 28 22.90 5.93 -17.74
CA LYS B 28 23.06 6.54 -19.03
C LYS B 28 21.70 6.50 -19.72
N GLY B 29 21.32 7.60 -20.38
CA GLY B 29 20.03 7.67 -21.03
C GLY B 29 19.84 8.99 -21.72
N SER B 30 18.58 9.41 -21.89
CA SER B 30 18.25 10.70 -22.54
C SER B 30 18.87 11.90 -21.81
N PHE B 31 19.10 11.74 -20.49
CA PHE B 31 19.71 12.73 -19.61
C PHE B 31 21.23 12.82 -19.73
N GLY B 32 21.82 11.96 -20.57
CA GLY B 32 23.28 11.91 -20.68
C GLY B 32 23.90 10.76 -19.90
N LYS B 33 25.03 11.04 -19.26
CA LYS B 33 25.70 10.10 -18.37
C LYS B 33 25.82 10.76 -17.02
N VAL B 34 25.46 10.04 -15.97
CA VAL B 34 25.59 10.54 -14.59
C VAL B 34 26.53 9.61 -13.80
N PHE B 35 27.51 10.22 -13.12
CA PHE B 35 28.50 9.47 -12.35
C PHE B 35 28.38 9.73 -10.84
N LEU B 36 28.66 8.70 -10.04
CA LEU B 36 28.95 8.91 -8.62
C LEU B 36 30.38 9.44 -8.48
N ALA B 37 30.51 10.64 -7.93
CA ALA B 37 31.80 11.31 -7.81
C ALA B 37 32.14 11.73 -6.37
N GLU B 38 33.40 11.54 -5.99
CA GLU B 38 33.86 11.99 -4.67
C GLU B 38 34.82 13.17 -4.83
N PHE B 39 34.46 14.30 -4.22
CA PHE B 39 35.29 15.50 -4.24
C PHE B 39 36.48 15.26 -3.31
N LYS B 40 37.62 14.91 -3.91
CA LYS B 40 38.84 14.45 -3.20
C LYS B 40 39.25 15.27 -1.97
N LYS B 41 39.07 16.58 -2.05
CA LYS B 41 39.48 17.51 -0.99
C LYS B 41 38.69 17.33 0.29
N THR B 42 37.36 17.30 0.17
CA THR B 42 36.47 17.26 1.34
C THR B 42 35.81 15.88 1.58
N ASN B 43 36.02 14.96 0.64
CA ASN B 43 35.44 13.60 0.69
C ASN B 43 33.89 13.54 0.58
N GLN B 44 33.30 14.61 0.06
CA GLN B 44 31.86 14.70 -0.17
C GLN B 44 31.47 14.04 -1.50
N PHE B 45 30.30 13.40 -1.52
CA PHE B 45 29.78 12.72 -2.72
C PHE B 45 28.81 13.59 -3.51
N PHE B 46 28.93 13.49 -4.83
CA PHE B 46 28.10 14.24 -5.76
C PHE B 46 27.66 13.32 -6.89
N ALA B 47 26.58 13.71 -7.58
CA ALA B 47 26.20 13.08 -8.85
C ALA B 47 26.72 14.04 -9.91
N ILE B 48 27.52 13.54 -10.85
CA ILE B 48 28.02 14.43 -11.91
C ILE B 48 27.46 14.00 -13.26
N LYS B 49 26.72 14.90 -13.89
CA LYS B 49 26.25 14.68 -15.24
C LYS B 49 27.32 15.20 -16.20
N ALA B 50 27.74 14.34 -17.11
CA ALA B 50 28.71 14.67 -18.15
C ALA B 50 28.06 14.58 -19.53
N LEU B 51 28.37 15.56 -20.38
CA LEU B 51 27.96 15.59 -21.78
C LEU B 51 29.17 15.86 -22.69
N LYS B 52 29.25 15.19 -23.83
CA LYS B 52 30.19 15.55 -24.89
C LYS B 52 29.57 16.67 -25.72
N LYS B 53 30.24 17.83 -25.80
CA LYS B 53 29.79 18.98 -26.61
C LYS B 53 29.55 18.60 -28.10
N ASP B 54 30.49 17.83 -28.62
CA ASP B 54 30.45 17.06 -29.87
C ASP B 54 29.04 16.42 -30.16
N VAL B 55 28.65 15.50 -29.29
CA VAL B 55 27.39 14.79 -29.35
C VAL B 55 26.17 15.71 -29.14
N VAL B 56 26.24 16.63 -28.19
CA VAL B 56 25.18 17.63 -28.00
C VAL B 56 24.84 18.35 -29.31
N LEU B 57 25.88 18.77 -30.05
CA LEU B 57 25.69 19.46 -31.33
C LEU B 57 25.14 18.56 -32.45
N MET B 58 25.57 17.29 -32.51
CA MET B 58 25.04 16.36 -33.52
C MET B 58 23.59 15.94 -33.22
N ASP B 59 23.20 15.95 -31.95
CA ASP B 59 21.82 15.70 -31.53
C ASP B 59 20.98 16.97 -31.63
N ASP B 60 21.61 18.09 -31.97
CA ASP B 60 20.95 19.40 -32.04
C ASP B 60 20.29 19.83 -30.71
N ASP B 61 21.02 19.61 -29.61
CA ASP B 61 20.49 19.79 -28.27
C ASP B 61 21.20 20.88 -27.48
N VAL B 62 21.74 21.87 -28.18
CA VAL B 62 22.46 22.97 -27.55
C VAL B 62 21.55 23.85 -26.68
N GLU B 63 20.38 24.21 -27.20
CA GLU B 63 19.52 25.15 -26.51
C GLU B 63 18.88 24.54 -25.27
N CYS B 64 18.46 23.27 -25.37
CA CYS B 64 17.89 22.61 -24.20
C CYS B 64 18.91 22.19 -23.11
N THR B 65 20.18 22.08 -23.47
CA THR B 65 21.28 21.92 -22.50
C THR B 65 21.49 23.21 -21.71
N MET B 66 21.38 24.33 -22.40
CA MET B 66 21.50 25.62 -21.74
C MET B 66 20.25 25.94 -20.90
N VAL B 67 19.08 25.55 -21.37
CA VAL B 67 17.85 25.67 -20.60
C VAL B 67 18.00 24.88 -19.29
N GLU B 68 18.38 23.61 -19.39
CA GLU B 68 18.63 22.77 -18.23
C GLU B 68 19.58 23.44 -17.23
N LYS B 69 20.68 23.98 -17.74
CA LYS B 69 21.67 24.69 -16.92
C LYS B 69 21.05 25.91 -16.21
N ARG B 70 20.29 26.73 -16.95
CA ARG B 70 19.63 27.89 -16.36
C ARG B 70 18.55 27.52 -15.33
N VAL B 71 17.72 26.51 -15.61
CA VAL B 71 16.75 26.03 -14.62
C VAL B 71 17.48 25.50 -13.37
N LEU B 72 18.40 24.57 -13.55
CA LEU B 72 19.22 24.03 -12.45
C LEU B 72 19.90 25.11 -11.60
N SER B 73 20.36 26.19 -12.23
CA SER B 73 21.09 27.27 -11.54
C SER B 73 20.22 27.99 -10.52
N LEU B 74 18.93 27.68 -10.53
CA LEU B 74 17.94 28.36 -9.71
C LEU B 74 17.30 27.38 -8.69
N ALA B 75 17.67 26.10 -8.81
CA ALA B 75 17.04 24.99 -8.08
C ALA B 75 17.34 24.96 -6.58
N TRP B 76 18.49 25.53 -6.17
CA TRP B 76 18.90 25.56 -4.76
C TRP B 76 17.87 26.28 -3.88
N GLU B 77 17.04 27.11 -4.51
CA GLU B 77 16.03 27.92 -3.83
C GLU B 77 14.85 27.13 -3.28
N HIS B 78 14.63 25.93 -3.80
CA HIS B 78 13.48 25.12 -3.35
C HIS B 78 13.94 23.75 -2.84
N PRO B 79 13.42 23.31 -1.69
CA PRO B 79 13.84 22.00 -1.15
C PRO B 79 13.49 20.75 -1.98
N PHE B 80 12.49 20.84 -2.85
CA PHE B 80 11.95 19.65 -3.50
C PHE B 80 12.41 19.51 -4.96
N LEU B 81 13.44 20.29 -5.29
CA LEU B 81 14.12 20.19 -6.57
C LEU B 81 15.52 19.68 -6.33
N THR B 82 16.03 18.95 -7.29
CA THR B 82 17.39 18.42 -7.34
C THR B 82 18.38 19.60 -7.43
N HIS B 83 19.26 19.77 -6.42
CA HIS B 83 20.16 20.93 -6.39
C HIS B 83 21.46 20.75 -7.20
N MET B 84 21.81 21.81 -7.90
CA MET B 84 23.07 21.90 -8.60
C MET B 84 24.01 22.88 -7.86
N PHE B 85 25.24 22.43 -7.65
CA PHE B 85 26.29 23.21 -7.01
C PHE B 85 27.08 24.06 -7.98
N CYS B 86 27.59 23.44 -9.04
CA CYS B 86 28.22 24.19 -10.12
C CYS B 86 28.15 23.47 -11.45
N THR B 87 28.36 24.22 -12.52
CA THR B 87 28.62 23.69 -13.85
C THR B 87 29.95 24.22 -14.32
N PHE B 88 30.69 23.38 -15.04
CA PHE B 88 31.93 23.80 -15.68
C PHE B 88 32.15 23.05 -17.00
N GLN B 89 32.99 23.60 -17.86
CA GLN B 89 33.24 22.96 -19.12
C GLN B 89 34.74 22.78 -19.36
N THR B 90 35.09 21.79 -20.18
CA THR B 90 36.45 21.64 -20.72
C THR B 90 36.36 21.86 -22.22
N LYS B 91 37.42 21.52 -22.95
CA LYS B 91 37.43 21.61 -24.42
C LYS B 91 36.33 20.73 -25.03
N GLU B 92 36.17 19.52 -24.50
CA GLU B 92 35.25 18.50 -25.04
C GLU B 92 33.95 18.28 -24.25
N ASN B 93 33.97 18.61 -22.96
CA ASN B 93 32.91 18.18 -22.04
C ASN B 93 32.11 19.30 -21.36
N LEU B 94 30.88 18.96 -21.00
CA LEU B 94 30.05 19.80 -20.13
C LEU B 94 29.78 19.02 -18.84
N PHE B 95 30.01 19.64 -17.69
CA PHE B 95 29.76 18.98 -16.39
C PHE B 95 28.78 19.76 -15.50
N PHE B 96 27.88 19.02 -14.85
CA PHE B 96 26.92 19.56 -13.89
C PHE B 96 27.18 18.83 -12.59
N VAL B 97 27.57 19.56 -11.55
CA VAL B 97 27.84 18.93 -10.25
C VAL B 97 26.59 19.03 -9.39
N MET B 98 25.95 17.87 -9.20
CA MET B 98 24.61 17.77 -8.56
C MET B 98 24.71 17.13 -7.17
N GLU B 99 23.75 17.40 -6.28
CA GLU B 99 23.60 16.61 -5.05
C GLU B 99 23.29 15.16 -5.38
N TYR B 100 23.92 14.26 -4.65
CA TYR B 100 23.72 12.85 -4.82
C TYR B 100 22.56 12.35 -3.95
N LEU B 101 21.58 11.74 -4.61
CA LEU B 101 20.35 11.29 -4.01
C LEU B 101 20.22 9.79 -4.16
N ASN B 102 20.16 9.16 -3.00
CA ASN B 102 20.39 7.75 -2.74
C ASN B 102 19.10 6.99 -2.35
N GLY B 103 18.01 7.73 -2.16
CA GLY B 103 16.76 7.14 -1.70
C GLY B 103 15.93 6.32 -2.69
N GLY B 104 16.34 6.31 -3.97
CA GLY B 104 15.59 5.60 -5.02
C GLY B 104 14.49 6.44 -5.67
N ASP B 105 14.19 6.15 -6.92
CA ASP B 105 13.09 6.86 -7.59
C ASP B 105 11.70 6.23 -7.30
N LEU B 106 10.63 7.00 -7.49
CA LEU B 106 9.27 6.51 -7.27
C LEU B 106 8.83 5.30 -8.15
N MET B 107 9.42 5.17 -9.34
CA MET B 107 9.12 4.04 -10.20
C MET B 107 9.66 2.77 -9.60
N TYR B 108 10.91 2.82 -9.12
CA TYR B 108 11.46 1.70 -8.39
C TYR B 108 10.61 1.33 -7.16
N HIS B 109 10.21 2.33 -6.37
CA HIS B 109 9.47 2.08 -5.11
C HIS B 109 8.08 1.48 -5.28
N ILE B 110 7.42 1.86 -6.38
CA ILE B 110 6.08 1.42 -6.64
C ILE B 110 6.05 0.01 -7.22
N GLN B 111 7.19 -0.45 -7.78
CA GLN B 111 7.30 -1.79 -8.34
C GLN B 111 7.27 -2.84 -7.23
N SER B 112 7.73 -2.46 -6.04
CA SER B 112 7.71 -3.34 -4.87
C SER B 112 6.30 -3.50 -4.26
N CYS B 113 5.60 -2.37 -4.07
CA CYS B 113 4.35 -2.39 -3.34
C CYS B 113 3.10 -2.30 -4.22
N HIS B 114 3.30 -2.17 -5.54
CA HIS B 114 2.24 -2.08 -6.57
C HIS B 114 1.51 -0.73 -6.63
N LYS B 115 1.40 -0.06 -5.50
CA LYS B 115 0.53 1.10 -5.30
C LYS B 115 1.03 1.78 -4.05
N PHE B 116 1.01 3.10 -3.97
CA PHE B 116 1.33 3.74 -2.71
C PHE B 116 0.06 3.87 -1.85
N ASP B 117 0.20 3.50 -0.57
CA ASP B 117 -0.89 3.67 0.39
C ASP B 117 -1.27 5.15 0.37
N LEU B 118 -2.51 5.43 0.75
CA LEU B 118 -3.09 6.74 0.58
C LEU B 118 -2.33 7.90 1.25
N SER B 119 -1.88 7.68 2.48
CA SER B 119 -1.15 8.70 3.22
C SER B 119 0.19 9.00 2.53
N ARG B 120 0.86 7.96 2.10
CA ARG B 120 2.13 8.03 1.38
C ARG B 120 2.01 8.75 0.01
N ALA B 121 1.02 8.36 -0.79
CA ALA B 121 0.70 9.03 -2.08
C ALA B 121 0.34 10.51 -1.92
N THR B 122 -0.43 10.82 -0.87
CA THR B 122 -0.89 12.19 -0.57
C THR B 122 0.28 13.08 -0.15
N PHE B 123 1.19 12.51 0.65
CA PHE B 123 2.41 13.19 1.04
C PHE B 123 3.28 13.50 -0.19
N TYR B 124 3.50 12.52 -1.07
CA TYR B 124 4.26 12.76 -2.31
C TYR B 124 3.61 13.79 -3.19
N ALA B 125 2.29 13.69 -3.33
CA ALA B 125 1.53 14.60 -4.15
C ALA B 125 1.64 16.04 -3.65
N ALA B 126 1.60 16.21 -2.33
CA ALA B 126 1.74 17.54 -1.73
C ALA B 126 3.14 18.16 -1.93
N GLU B 127 4.19 17.36 -1.74
CA GLU B 127 5.56 17.83 -1.98
C GLU B 127 5.81 18.17 -3.46
N ILE B 128 5.28 17.34 -4.37
CA ILE B 128 5.31 17.60 -5.82
C ILE B 128 4.58 18.88 -6.23
N ILE B 129 3.39 19.13 -5.66
CA ILE B 129 2.69 20.42 -5.84
C ILE B 129 3.58 21.63 -5.48
N LEU B 130 4.28 21.54 -4.36
CA LEU B 130 5.13 22.65 -3.92
C LEU B 130 6.27 22.93 -4.93
N GLY B 131 6.92 21.87 -5.39
CA GLY B 131 7.98 21.96 -6.39
C GLY B 131 7.51 22.51 -7.73
N LEU B 132 6.33 22.06 -8.20
CA LEU B 132 5.73 22.54 -9.48
C LEU B 132 5.33 24.00 -9.41
N GLN B 133 4.65 24.37 -8.32
CA GLN B 133 4.26 25.76 -8.07
C GLN B 133 5.43 26.73 -7.97
N PHE B 134 6.54 26.28 -7.38
CA PHE B 134 7.78 27.09 -7.37
C PHE B 134 8.29 27.33 -8.78
N LEU B 135 8.38 26.25 -9.55
CA LEU B 135 8.80 26.28 -10.95
C LEU B 135 7.93 27.24 -11.74
N HIS B 136 6.61 27.11 -11.61
CA HIS B 136 5.68 28.00 -12.32
C HIS B 136 5.86 29.47 -11.96
N SER B 137 6.04 29.77 -10.67
CA SER B 137 6.26 31.15 -10.22
C SER B 137 7.50 31.79 -10.88
N LYS B 138 8.44 30.95 -11.31
CA LYS B 138 9.66 31.38 -12.00
C LYS B 138 9.48 31.36 -13.54
N GLY B 139 8.25 31.08 -13.99
CA GLY B 139 7.93 31.01 -15.42
C GLY B 139 8.45 29.77 -16.10
N ILE B 140 8.63 28.70 -15.34
CA ILE B 140 9.09 27.45 -15.91
C ILE B 140 7.95 26.44 -15.97
N VAL B 141 7.82 25.81 -17.13
CA VAL B 141 6.95 24.66 -17.35
C VAL B 141 7.86 23.44 -17.46
N TYR B 142 7.62 22.47 -16.61
CA TYR B 142 8.53 21.35 -16.46
C TYR B 142 8.41 20.31 -17.59
N ARG B 143 7.17 19.88 -17.90
CA ARG B 143 6.85 19.08 -19.07
C ARG B 143 7.29 17.61 -19.07
N ASP B 144 8.14 17.19 -18.14
CA ASP B 144 8.58 15.78 -18.08
C ASP B 144 8.13 15.00 -16.80
N LEU B 145 7.02 15.39 -16.17
CA LEU B 145 6.58 14.66 -14.96
C LEU B 145 6.30 13.21 -15.23
N LYS B 146 6.93 12.36 -14.44
CA LYS B 146 6.78 10.90 -14.52
C LYS B 146 7.42 10.36 -13.27
N LEU B 147 7.03 9.16 -12.89
CA LEU B 147 7.50 8.52 -11.67
C LEU B 147 9.01 8.38 -11.61
N ASP B 148 9.60 8.06 -12.76
CA ASP B 148 11.04 7.87 -12.90
C ASP B 148 11.87 9.13 -12.59
N ASN B 149 11.26 10.30 -12.73
CA ASN B 149 11.91 11.59 -12.45
C ASN B 149 11.73 12.11 -11.02
N ILE B 150 11.05 11.32 -10.18
CA ILE B 150 10.93 11.69 -8.78
C ILE B 150 11.82 10.81 -7.92
N LEU B 151 12.83 11.43 -7.32
CA LEU B 151 13.78 10.73 -6.45
C LEU B 151 13.38 10.95 -5.01
N LEU B 152 13.78 10.03 -4.15
CA LEU B 152 13.75 10.29 -2.70
C LEU B 152 15.14 10.61 -2.15
N ASP B 153 15.16 11.58 -1.23
CA ASP B 153 16.15 11.71 -0.15
C ASP B 153 16.38 10.45 0.62
N LYS B 154 17.48 10.45 1.38
CA LYS B 154 17.74 9.45 2.39
C LYS B 154 16.67 9.47 3.50
N ASP B 155 16.03 10.62 3.74
CA ASP B 155 14.92 10.73 4.70
C ASP B 155 13.51 10.43 4.16
N GLY B 156 13.35 10.41 2.84
CA GLY B 156 12.07 10.09 2.24
C GLY B 156 11.33 11.26 1.64
N HIS B 157 11.94 12.45 1.64
CA HIS B 157 11.43 13.61 0.91
C HIS B 157 11.69 13.56 -0.59
N ILE B 158 10.78 14.12 -1.38
CA ILE B 158 10.87 14.04 -2.83
C ILE B 158 11.86 15.04 -3.42
N LYS B 159 12.46 14.62 -4.54
CA LYS B 159 13.28 15.48 -5.41
C LYS B 159 12.83 15.31 -6.85
N ILE B 160 12.29 16.38 -7.41
CA ILE B 160 12.06 16.44 -8.86
C ILE B 160 13.40 16.59 -9.57
N ALA B 161 13.69 15.65 -10.49
CA ALA B 161 14.95 15.58 -11.23
C ALA B 161 14.71 15.77 -12.72
N ASP B 162 15.78 16.04 -13.48
CA ASP B 162 15.80 16.10 -14.95
C ASP B 162 15.05 17.28 -15.55
N PHE B 163 15.75 18.38 -15.74
CA PHE B 163 15.10 19.58 -16.27
C PHE B 163 15.38 19.80 -17.76
N GLY B 164 15.69 18.71 -18.45
CA GLY B 164 15.98 18.70 -19.89
C GLY B 164 14.88 19.03 -20.89
N MET B 165 13.62 18.98 -20.46
CA MET B 165 12.46 19.32 -21.29
C MET B 165 11.76 20.62 -20.90
N CYS B 166 12.35 21.40 -19.99
CA CYS B 166 11.77 22.65 -19.50
C CYS B 166 11.59 23.76 -20.55
N LYS B 167 10.50 24.51 -20.40
CA LYS B 167 10.27 25.76 -21.14
C LYS B 167 10.34 26.95 -20.21
N GLU B 168 11.17 27.93 -20.54
CA GLU B 168 11.33 29.15 -19.76
C GLU B 168 10.43 30.28 -20.25
N ASN B 169 10.49 31.42 -19.53
CA ASN B 169 9.74 32.64 -19.87
C ASN B 169 8.24 32.44 -20.06
N MET B 170 7.64 31.67 -19.16
CA MET B 170 6.24 31.29 -19.26
C MET B 170 5.33 32.03 -18.27
N LEU B 171 5.58 33.31 -18.08
CA LEU B 171 4.80 34.11 -17.15
C LEU B 171 3.69 34.87 -17.87
N GLY B 172 2.60 35.18 -17.16
CA GLY B 172 1.50 36.02 -17.66
C GLY B 172 0.83 35.48 -18.93
N ASP B 173 0.85 36.30 -19.99
CA ASP B 173 0.36 35.91 -21.30
C ASP B 173 0.96 34.58 -21.81
N ALA B 174 2.26 34.41 -21.60
CA ALA B 174 3.13 33.50 -22.38
C ALA B 174 2.70 32.05 -22.58
N LYS B 175 2.67 31.63 -23.83
CA LYS B 175 2.30 30.28 -24.21
C LYS B 175 3.32 29.71 -25.19
N THR B 176 3.33 28.38 -25.33
CA THR B 176 4.30 27.68 -26.16
C THR B 176 3.70 26.49 -26.92
N ASN B 177 4.47 25.91 -27.83
CA ASN B 177 3.92 25.13 -28.94
C ASN B 177 4.42 23.69 -29.07
N GLU B 178 5.62 23.41 -28.57
CA GLU B 178 6.33 22.14 -28.79
C GLU B 178 5.58 20.85 -28.41
N PHE B 179 5.72 19.83 -29.23
CA PHE B 179 5.28 18.49 -28.87
C PHE B 179 6.26 17.73 -27.95
N CYS B 180 5.85 17.48 -26.73
CA CYS B 180 6.77 17.24 -25.66
C CYS B 180 6.18 16.19 -24.78
N GLY B 181 6.93 15.18 -24.41
CA GLY B 181 6.61 14.43 -23.23
C GLY B 181 6.44 12.96 -23.49
N THR B 182 6.38 12.19 -22.43
CA THR B 182 6.13 10.76 -22.48
C THR B 182 4.63 10.53 -22.77
N PRO B 183 4.31 9.69 -23.77
CA PRO B 183 2.94 9.43 -24.29
C PRO B 183 1.80 9.27 -23.26
N ASP B 184 2.00 8.42 -22.24
CA ASP B 184 1.04 8.23 -21.15
C ASP B 184 0.62 9.52 -20.45
N TYR B 185 1.54 10.48 -20.39
CA TYR B 185 1.39 11.73 -19.60
C TYR B 185 0.97 12.98 -20.39
N ILE B 186 0.88 12.86 -21.71
CA ILE B 186 0.67 14.04 -22.57
C ILE B 186 -0.75 14.61 -22.44
N ALA B 187 -0.83 15.92 -22.20
CA ALA B 187 -2.09 16.65 -22.05
C ALA B 187 -2.90 16.66 -23.33
N PRO B 188 -4.25 16.72 -23.23
CA PRO B 188 -5.05 16.82 -24.45
C PRO B 188 -4.79 18.10 -25.25
N GLU B 189 -4.51 19.23 -24.60
CA GLU B 189 -4.22 20.48 -25.32
C GLU B 189 -2.97 20.39 -26.22
N ILE B 190 -1.97 19.61 -25.81
CA ILE B 190 -0.79 19.33 -26.63
C ILE B 190 -1.15 18.48 -27.86
N LEU B 191 -1.89 17.39 -27.65
CA LEU B 191 -2.35 16.50 -28.74
C LEU B 191 -3.20 17.23 -29.76
N LEU B 192 -3.96 18.23 -29.30
CA LEU B 192 -4.74 19.07 -30.20
C LEU B 192 -3.91 20.17 -30.88
N GLY B 193 -2.60 20.20 -30.60
CA GLY B 193 -1.68 21.14 -31.27
C GLY B 193 -1.89 22.59 -30.85
N GLN B 194 -2.45 22.80 -29.66
CA GLN B 194 -2.71 24.15 -29.13
C GLN B 194 -1.45 24.71 -28.50
N LYS B 195 -1.36 26.05 -28.48
CA LYS B 195 -0.41 26.76 -27.63
C LYS B 195 -0.78 26.48 -26.18
N TYR B 196 0.21 26.19 -25.36
CA TYR B 196 -0.07 25.80 -23.98
C TYR B 196 0.82 26.50 -22.94
N ASN B 197 0.38 26.41 -21.69
CA ASN B 197 1.15 26.93 -20.58
C ASN B 197 1.37 25.83 -19.50
N HIS B 198 1.43 26.23 -18.24
CA HIS B 198 1.70 25.34 -17.11
C HIS B 198 0.60 24.30 -16.88
N SER B 199 -0.54 24.49 -17.55
CA SER B 199 -1.65 23.56 -17.50
C SER B 199 -1.26 22.10 -17.79
N VAL B 200 -0.30 21.91 -18.68
CA VAL B 200 0.15 20.58 -19.06
C VAL B 200 0.84 19.85 -17.90
N ASP B 201 1.50 20.60 -17.03
CA ASP B 201 2.07 20.05 -15.81
C ASP B 201 1.00 19.56 -14.84
N TRP B 202 -0.14 20.23 -14.83
CA TRP B 202 -1.26 19.81 -13.98
C TRP B 202 -1.99 18.58 -14.52
N TRP B 203 -2.07 18.45 -15.84
CA TRP B 203 -2.53 17.17 -16.42
C TRP B 203 -1.62 16.01 -16.04
N SER B 204 -0.31 16.20 -16.25
CA SER B 204 0.69 15.18 -15.94
C SER B 204 0.72 14.81 -14.48
N PHE B 205 0.48 15.80 -13.63
CA PHE B 205 0.38 15.61 -12.21
C PHE B 205 -0.78 14.66 -11.86
N GLY B 206 -1.95 14.89 -12.46
CA GLY B 206 -3.06 13.96 -12.39
C GLY B 206 -2.69 12.55 -12.80
N VAL B 207 -1.97 12.39 -13.92
CA VAL B 207 -1.59 11.04 -14.37
C VAL B 207 -0.69 10.35 -13.31
N LEU B 208 0.36 11.06 -12.90
CA LEU B 208 1.25 10.62 -11.84
C LEU B 208 0.53 10.25 -10.52
N LEU B 209 -0.33 11.15 -10.05
CA LEU B 209 -1.18 10.87 -8.87
C LEU B 209 -2.05 9.62 -9.06
N TYR B 210 -2.74 9.52 -10.18
CA TYR B 210 -3.48 8.30 -10.53
C TYR B 210 -2.61 7.06 -10.44
N GLU B 211 -1.44 7.09 -11.07
CA GLU B 211 -0.49 5.98 -11.00
C GLU B 211 0.02 5.68 -9.58
N MET B 212 0.25 6.70 -8.76
CA MET B 212 0.60 6.44 -7.34
C MET B 212 -0.49 5.72 -6.54
N LEU B 213 -1.74 6.15 -6.73
CA LEU B 213 -2.89 5.67 -6.00
C LEU B 213 -3.37 4.32 -6.47
N ILE B 214 -3.24 4.09 -7.77
CA ILE B 214 -3.89 2.95 -8.40
C ILE B 214 -2.92 1.90 -8.93
N GLY B 215 -1.71 2.33 -9.27
CA GLY B 215 -0.71 1.41 -9.82
C GLY B 215 -1.02 0.99 -11.25
N GLN B 216 -1.80 1.81 -11.96
CA GLN B 216 -2.11 1.53 -13.36
C GLN B 216 -2.07 2.87 -14.07
N SER B 217 -1.96 2.86 -15.39
CA SER B 217 -2.08 4.10 -16.18
C SER B 217 -3.54 4.48 -16.48
N PRO B 218 -3.86 5.79 -16.34
CA PRO B 218 -5.22 6.23 -16.56
C PRO B 218 -5.66 6.13 -18.04
N PHE B 219 -4.78 6.50 -18.97
CA PHE B 219 -5.09 6.49 -20.41
C PHE B 219 -4.21 5.47 -21.10
N HIS B 220 -4.78 4.78 -22.07
CA HIS B 220 -4.15 3.61 -22.65
C HIS B 220 -4.74 3.31 -24.04
N GLY B 221 -4.04 2.43 -24.75
CA GLY B 221 -4.44 1.96 -26.06
C GLY B 221 -3.55 0.80 -26.43
N GLN B 222 -4.03 0.00 -27.37
CA GLN B 222 -3.28 -1.10 -27.98
C GLN B 222 -2.32 -0.60 -29.07
N ASP B 223 -2.50 0.66 -29.48
CA ASP B 223 -1.54 1.42 -30.32
C ASP B 223 -1.62 2.88 -29.93
N GLU B 224 -0.77 3.72 -30.51
CA GLU B 224 -0.64 5.13 -30.04
C GLU B 224 -1.90 5.97 -30.35
N GLU B 225 -2.50 5.71 -31.51
CA GLU B 225 -3.78 6.30 -31.91
C GLU B 225 -4.91 6.12 -30.88
N GLU B 226 -5.11 4.90 -30.38
CA GLU B 226 -6.10 4.60 -29.35
C GLU B 226 -5.80 5.34 -28.03
N LEU B 227 -4.52 5.36 -27.65
CA LEU B 227 -4.05 6.10 -26.51
C LEU B 227 -4.40 7.60 -26.58
N PHE B 228 -4.08 8.24 -27.70
CA PHE B 228 -4.39 9.66 -27.91
C PHE B 228 -5.90 9.97 -27.93
N HIS B 229 -6.69 9.10 -28.57
CA HIS B 229 -8.15 9.16 -28.48
C HIS B 229 -8.64 9.04 -27.02
N SER B 230 -8.09 8.08 -26.29
CA SER B 230 -8.39 7.91 -24.87
C SER B 230 -8.09 9.19 -24.06
N ILE B 231 -6.93 9.81 -24.32
CA ILE B 231 -6.53 11.05 -23.65
C ILE B 231 -7.50 12.20 -23.95
N ARG B 232 -7.91 12.30 -25.22
CA ARG B 232 -8.80 13.35 -25.67
C ARG B 232 -10.28 13.13 -25.26
N MET B 233 -10.74 11.88 -25.26
CA MET B 233 -12.18 11.59 -25.21
C MET B 233 -12.73 10.84 -23.98
N ASP B 234 -11.89 10.06 -23.31
CA ASP B 234 -12.38 9.06 -22.36
C ASP B 234 -12.17 9.44 -20.90
N ASN B 235 -12.93 8.81 -20.02
CA ASN B 235 -12.72 8.92 -18.58
C ASN B 235 -11.89 7.74 -18.09
N PRO B 236 -10.90 8.01 -17.20
CA PRO B 236 -10.17 6.89 -16.58
C PRO B 236 -11.08 6.07 -15.66
N PHE B 237 -10.74 4.80 -15.54
CA PHE B 237 -11.36 3.92 -14.60
C PHE B 237 -10.97 4.28 -13.17
N TYR B 238 -11.97 4.48 -12.31
CA TYR B 238 -11.76 4.72 -10.88
C TYR B 238 -12.25 3.50 -10.09
N PRO B 239 -11.31 2.73 -9.53
CA PRO B 239 -11.69 1.52 -8.78
C PRO B 239 -12.68 1.85 -7.67
N ARG B 240 -13.63 0.96 -7.41
CA ARG B 240 -14.69 1.22 -6.39
C ARG B 240 -14.17 1.46 -4.96
N TRP B 241 -12.99 0.95 -4.63
CA TRP B 241 -12.37 1.18 -3.32
C TRP B 241 -11.71 2.57 -3.15
N LEU B 242 -11.51 3.31 -4.25
CA LEU B 242 -10.80 4.59 -4.21
C LEU B 242 -11.56 5.61 -3.38
N GLU B 243 -10.88 6.23 -2.42
CA GLU B 243 -11.51 7.21 -1.53
C GLU B 243 -12.04 8.39 -2.31
N LYS B 244 -13.16 8.93 -1.83
CA LYS B 244 -13.92 9.99 -2.50
C LYS B 244 -13.09 11.25 -2.74
N GLU B 245 -12.24 11.60 -1.77
CA GLU B 245 -11.41 12.81 -1.88
C GLU B 245 -10.38 12.67 -2.99
N ALA B 246 -9.79 11.48 -3.11
CA ALA B 246 -8.74 11.23 -4.11
C ALA B 246 -9.31 11.17 -5.53
N LYS B 247 -10.49 10.57 -5.67
CA LYS B 247 -11.21 10.52 -6.94
C LYS B 247 -11.59 11.92 -7.40
N ASP B 248 -12.09 12.73 -6.46
CA ASP B 248 -12.49 14.11 -6.74
C ASP B 248 -11.36 14.98 -7.25
N LEU B 249 -10.20 14.94 -6.58
CA LEU B 249 -9.01 15.63 -7.08
C LEU B 249 -8.64 15.19 -8.49
N LEU B 250 -8.61 13.89 -8.75
CA LEU B 250 -8.30 13.35 -10.08
C LEU B 250 -9.29 13.80 -11.17
N VAL B 251 -10.59 13.83 -10.82
CA VAL B 251 -11.63 14.30 -11.73
C VAL B 251 -11.42 15.76 -12.10
N LYS B 252 -11.01 16.57 -11.11
CA LYS B 252 -10.75 18.01 -11.33
C LYS B 252 -9.47 18.29 -12.12
N LEU B 253 -8.52 17.35 -12.08
CA LEU B 253 -7.26 17.49 -12.81
C LEU B 253 -7.41 16.97 -14.23
N PHE B 254 -8.28 16.00 -14.44
CA PHE B 254 -8.50 15.46 -15.78
C PHE B 254 -9.52 16.23 -16.59
N VAL B 255 -9.80 17.46 -16.18
CA VAL B 255 -10.65 18.37 -16.97
C VAL B 255 -9.86 18.74 -18.23
N ARG B 256 -10.51 18.62 -19.39
CA ARG B 256 -9.81 18.74 -20.67
C ARG B 256 -9.65 20.18 -21.16
N GLU B 257 -10.51 21.07 -20.68
CA GLU B 257 -10.35 22.51 -20.90
C GLU B 257 -9.27 23.05 -19.94
N PRO B 258 -8.06 23.34 -20.46
CA PRO B 258 -6.94 23.73 -19.59
C PRO B 258 -7.23 24.89 -18.63
N GLU B 259 -8.02 25.86 -19.05
CA GLU B 259 -8.34 27.02 -18.21
C GLU B 259 -9.35 26.71 -17.09
N LYS B 260 -9.90 25.49 -17.10
CA LYS B 260 -10.85 25.03 -16.07
C LYS B 260 -10.28 23.91 -15.18
N ARG B 261 -9.02 23.57 -15.41
CA ARG B 261 -8.32 22.53 -14.68
C ARG B 261 -7.82 23.06 -13.35
N LEU B 262 -7.93 22.23 -12.30
CA LEU B 262 -7.37 22.57 -10.98
C LEU B 262 -5.83 22.68 -11.10
N GLY B 263 -5.25 23.66 -10.42
CA GLY B 263 -3.84 23.99 -10.57
C GLY B 263 -3.72 25.22 -11.46
N VAL B 264 -4.48 25.23 -12.55
CA VAL B 264 -4.65 26.45 -13.38
C VAL B 264 -5.68 27.37 -12.72
N ARG B 265 -6.85 26.81 -12.39
CA ARG B 265 -7.93 27.54 -11.71
C ARG B 265 -8.01 27.11 -10.23
N GLY B 266 -8.40 28.04 -9.36
CA GLY B 266 -8.66 27.72 -7.96
C GLY B 266 -7.41 27.57 -7.11
N ASP B 267 -7.53 26.86 -5.99
CA ASP B 267 -6.41 26.57 -5.09
C ASP B 267 -6.38 25.09 -4.82
N ILE B 268 -5.45 24.40 -5.48
CA ILE B 268 -5.24 22.96 -5.33
C ILE B 268 -4.83 22.56 -3.91
N ARG B 269 -4.24 23.51 -3.18
CA ARG B 269 -3.79 23.29 -1.80
C ARG B 269 -4.96 23.17 -0.84
N GLN B 270 -6.07 23.82 -1.17
CA GLN B 270 -7.27 23.75 -0.36
C GLN B 270 -8.17 22.55 -0.72
N HIS B 271 -7.70 21.65 -1.57
CA HIS B 271 -8.50 20.47 -1.87
C HIS B 271 -8.59 19.54 -0.64
N PRO B 272 -9.80 18.99 -0.36
CA PRO B 272 -10.02 18.06 0.78
C PRO B 272 -9.05 16.87 0.92
N LEU B 273 -8.41 16.43 -0.16
CA LEU B 273 -7.38 15.38 -0.03
C LEU B 273 -6.22 15.85 0.87
N PHE B 274 -5.96 17.15 0.84
CA PHE B 274 -4.83 17.78 1.54
C PHE B 274 -5.24 18.47 2.83
N ARG B 275 -6.49 18.25 3.22
CA ARG B 275 -7.07 18.63 4.50
C ARG B 275 -6.10 18.60 5.69
N GLU B 276 -5.31 17.52 5.79
CA GLU B 276 -4.41 17.33 6.95
C GLU B 276 -2.97 17.83 6.75
N ILE B 277 -2.68 18.41 5.58
CA ILE B 277 -1.36 18.96 5.28
C ILE B 277 -1.26 20.41 5.75
N ASN B 278 -0.28 20.69 6.61
CA ASN B 278 0.12 22.05 6.90
C ASN B 278 1.24 22.37 5.90
N TRP B 279 0.92 23.25 4.96
CA TRP B 279 1.82 23.54 3.82
C TRP B 279 3.08 24.31 4.21
N GLU B 280 3.01 25.09 5.28
CA GLU B 280 4.17 25.81 5.82
C GLU B 280 5.22 24.83 6.35
N GLU B 281 4.76 23.87 7.18
CA GLU B 281 5.61 22.82 7.77
C GLU B 281 6.19 21.89 6.70
N LEU B 282 5.39 21.61 5.66
CA LEU B 282 5.79 20.75 4.58
C LEU B 282 6.96 21.35 3.80
N GLU B 283 6.84 22.63 3.41
CA GLU B 283 7.92 23.31 2.72
C GLU B 283 9.24 23.44 3.52
N ARG B 284 9.15 23.36 4.84
CA ARG B 284 10.34 23.41 5.71
C ARG B 284 10.84 22.02 6.07
N LYS B 285 10.22 20.98 5.49
CA LYS B 285 10.60 19.58 5.77
C LYS B 285 10.43 19.21 7.25
N GLU B 286 9.37 19.73 7.87
CA GLU B 286 9.06 19.45 9.27
C GLU B 286 7.98 18.37 9.43
N ILE B 287 7.37 17.97 8.31
CA ILE B 287 6.45 16.83 8.29
C ILE B 287 7.24 15.58 7.93
N ASP B 288 7.14 14.56 8.77
CA ASP B 288 7.87 13.32 8.65
C ASP B 288 7.29 12.45 7.54
N PRO B 289 8.15 12.01 6.61
CA PRO B 289 7.73 11.12 5.52
C PRO B 289 7.09 9.81 6.05
N PRO B 290 5.90 9.44 5.56
CA PRO B 290 5.30 8.15 5.92
C PRO B 290 6.15 6.94 5.55
N PHE B 291 7.07 7.11 4.60
CA PHE B 291 7.98 6.04 4.20
C PHE B 291 9.44 6.52 4.26
N ARG B 292 10.30 5.68 4.83
CA ARG B 292 11.72 5.97 4.87
C ARG B 292 12.48 4.89 4.10
N PRO B 293 13.20 5.28 3.05
CA PRO B 293 13.98 4.34 2.23
C PRO B 293 15.05 3.60 3.04
N LYS B 294 15.29 2.35 2.72
CA LYS B 294 16.42 1.59 3.25
C LYS B 294 17.57 1.98 2.36
N VAL B 295 18.42 2.89 2.85
CA VAL B 295 19.44 3.52 2.01
C VAL B 295 20.83 2.90 2.20
N LYS B 296 21.52 2.67 1.07
CA LYS B 296 22.88 2.17 1.11
C LYS B 296 23.87 3.32 0.83
N SER B 297 24.80 3.52 1.76
CA SER B 297 25.83 4.59 1.67
C SER B 297 26.69 4.47 0.41
N PRO B 298 27.26 5.61 -0.05
CA PRO B 298 28.40 5.58 -0.96
C PRO B 298 29.72 5.45 -0.19
N ARG B 314 38.21 2.35 -13.25
CA ARG B 314 38.57 3.00 -14.51
C ARG B 314 37.88 4.37 -14.63
N LEU B 315 36.88 4.46 -15.50
CA LEU B 315 36.07 5.68 -15.75
C LEU B 315 36.91 6.95 -16.04
N SEP B 316 37.26 7.14 -17.30
CA SEP B 316 38.18 8.20 -17.75
CB SEP B 316 39.36 7.57 -18.51
OG SEP B 316 40.21 8.54 -19.10
C SEP B 316 37.48 9.26 -18.60
O SEP B 316 36.29 9.13 -18.91
P SEP B 316 41.61 8.66 -18.30
O1P SEP B 316 42.60 9.65 -19.11
O2P SEP B 316 42.31 7.21 -18.20
O3P SEP B 316 41.35 9.24 -16.82
N PHE B 317 38.20 10.32 -18.99
CA PHE B 317 37.64 11.38 -19.84
C PHE B 317 38.50 11.89 -21.01
N ALA B 318 38.29 13.15 -21.38
CA ALA B 318 38.70 13.74 -22.67
C ALA B 318 40.12 13.47 -23.20
N ASP B 319 40.21 12.47 -24.06
CA ASP B 319 41.40 12.18 -24.87
C ASP B 319 40.86 11.36 -26.02
N ARG B 320 40.50 12.03 -27.10
CA ARG B 320 39.65 11.43 -28.13
C ARG B 320 40.18 11.47 -29.57
N ALA B 321 40.65 12.64 -30.01
CA ALA B 321 40.99 12.90 -31.42
C ALA B 321 39.74 12.96 -32.30
N LEU B 322 39.36 14.17 -32.69
CA LEU B 322 38.09 14.43 -33.37
C LEU B 322 38.24 14.92 -34.81
N ILE B 323 37.22 14.69 -35.62
CA ILE B 323 37.19 15.14 -37.02
C ILE B 323 37.06 16.67 -37.08
N ASN B 324 35.96 17.20 -36.55
CA ASN B 324 35.69 18.65 -36.56
C ASN B 324 35.93 19.28 -35.20
N SER B 325 36.42 20.52 -35.22
CA SER B 325 36.69 21.28 -34.00
C SER B 325 35.41 21.95 -33.52
N MET B 326 35.25 22.02 -32.21
CA MET B 326 34.07 22.62 -31.62
C MET B 326 34.26 24.14 -31.60
N ASP B 327 33.23 24.86 -32.06
CA ASP B 327 33.12 26.31 -31.87
C ASP B 327 32.67 26.59 -30.42
N GLN B 328 33.58 27.14 -29.62
CA GLN B 328 33.34 27.26 -28.18
C GLN B 328 32.28 28.28 -27.73
N ASN B 329 32.06 29.33 -28.53
CA ASN B 329 31.01 30.32 -28.25
C ASN B 329 29.61 29.70 -28.11
N MET B 330 29.48 28.46 -28.55
CA MET B 330 28.25 27.67 -28.48
C MET B 330 27.76 27.45 -27.05
N PHE B 331 28.70 27.32 -26.12
CA PHE B 331 28.35 27.10 -24.71
C PHE B 331 28.86 28.25 -23.84
N ARG B 332 28.75 29.46 -24.40
CA ARG B 332 28.98 30.70 -23.69
C ARG B 332 28.03 30.79 -22.51
N ASN B 333 28.57 31.15 -21.35
CA ASN B 333 27.80 31.31 -20.11
C ASN B 333 27.29 29.99 -19.49
N PHE B 334 27.85 28.86 -19.92
CA PHE B 334 27.57 27.57 -19.31
C PHE B 334 27.98 27.48 -17.84
N SEP B 335 29.19 27.93 -17.52
CA SEP B 335 29.69 27.97 -16.15
CB SEP B 335 31.06 28.63 -16.09
OG SEP B 335 32.05 27.66 -16.34
C SEP B 335 28.79 28.70 -15.20
O SEP B 335 28.18 29.72 -15.53
P SEP B 335 33.08 28.22 -17.44
O1P SEP B 335 32.29 28.71 -18.76
O2P SEP B 335 34.02 26.91 -17.63
O3P SEP B 335 33.91 29.49 -16.92
N PHE B 336 28.72 28.15 -13.99
CA PHE B 336 27.88 28.68 -12.94
C PHE B 336 28.43 28.11 -11.65
N MET B 337 28.33 28.91 -10.61
CA MET B 337 28.65 28.49 -9.27
C MET B 337 27.50 29.06 -8.42
N ASN B 338 26.98 28.26 -7.49
CA ASN B 338 26.05 28.76 -6.47
C ASN B 338 26.55 30.14 -5.96
N PRO B 339 25.70 31.19 -6.03
CA PRO B 339 26.10 32.58 -5.72
C PRO B 339 26.54 32.82 -4.27
N GLY B 340 26.05 31.99 -3.34
CA GLY B 340 26.45 32.00 -1.95
C GLY B 340 27.85 31.43 -1.76
N MET B 341 28.14 30.31 -2.41
CA MET B 341 29.49 29.74 -2.43
C MET B 341 30.49 30.67 -3.14
N GLU B 342 30.04 31.39 -4.17
CA GLU B 342 30.85 32.45 -4.82
C GLU B 342 31.30 33.50 -3.84
N ARG B 343 30.36 33.99 -3.03
CA ARG B 343 30.65 34.96 -1.98
C ARG B 343 31.60 34.41 -0.91
N LEU B 344 31.41 33.17 -0.49
CA LEU B 344 32.26 32.52 0.51
C LEU B 344 33.73 32.43 0.10
N ILE B 345 33.98 32.15 -1.18
CA ILE B 345 35.32 31.92 -1.71
C ILE B 345 36.07 33.23 -1.93
N SER B 346 35.43 34.17 -2.63
CA SER B 346 36.03 35.49 -2.90
C SER B 346 36.13 36.34 -1.65
N HIS B 347 35.36 35.98 -0.62
CA HIS B 347 35.48 36.64 0.68
C HIS B 347 36.67 36.06 1.47
N HIS B 348 36.93 34.76 1.30
CA HIS B 348 38.10 34.11 1.91
C HIS B 348 39.41 34.46 1.18
N HIS B 349 39.69 35.76 1.09
CA HIS B 349 41.01 36.31 0.77
C HIS B 349 41.37 37.20 1.94
N HIS B 350 40.34 37.61 2.68
CA HIS B 350 40.48 38.26 3.98
C HIS B 350 40.78 37.19 5.04
N HIS B 351 40.60 35.93 4.65
CA HIS B 351 40.83 34.77 5.51
C HIS B 351 41.83 33.80 4.88
CBD LG8 C . -9.88 -11.91 17.32
CBB LG8 C . -9.23 -13.29 17.05
NAW LG8 C . -7.87 -13.11 16.53
CAV LG8 C . -7.48 -12.09 15.79
CAX LG8 C . -6.83 -13.94 16.76
CAY LG8 C . -6.81 -15.14 17.51
CAZ LG8 C . -5.57 -15.80 17.58
CAP LG8 C . -4.42 -15.30 16.94
CAO LG8 C . -4.45 -14.11 16.21
CAN LG8 C . -5.70 -13.45 16.13
CAM LG8 C . -6.17 -12.18 15.49
CAH LG8 C . -5.27 -11.30 14.69
CAE LG8 C . -4.34 -11.80 13.63
OAF LG8 C . -4.22 -12.96 13.27
NAD LG8 C . -3.65 -10.77 13.12
CAC LG8 C . -4.02 -9.66 13.76
OAB LG8 C . -3.59 -8.53 13.55
CAG LG8 C . -5.04 -9.97 14.78
CAL LG8 C . -5.66 -8.91 15.61
CAU LG8 C . -5.89 -7.64 15.18
CAK LG8 C . -6.22 -9.01 17.00
CAJ LG8 C . -6.34 -10.00 18.00
CAI LG8 C . -6.96 -9.65 19.21
CAQ LG8 C . -7.45 -8.35 19.40
CAR LG8 C . -7.34 -7.38 18.42
CAS LG8 C . -6.72 -7.73 17.22
NAT LG8 C . -6.50 -6.95 16.12
CBA LG8 C . -6.89 -5.56 16.04
CBF LG8 C . -9.85 -11.01 16.03
CBG LG8 C . -10.35 -9.54 16.19
NBH LG8 C . -11.52 -9.30 17.10
C6 LG8 C . -8.44 -10.99 15.37
CBI LG8 C . -11.10 -9.01 18.51
CBJ LG8 C . -12.56 -8.37 16.58
CBD LG8 D . 17.08 10.38 -13.94
CBB LG8 D . 17.23 11.89 -14.25
NAW LG8 D . 18.27 12.46 -13.39
CAV LG8 D . 18.51 12.05 -12.16
CAX LG8 D . 19.08 13.47 -13.75
CAY LG8 D . 19.14 14.17 -14.96
CAZ LG8 D . 20.11 15.18 -15.10
CAP LG8 D . 20.97 15.45 -14.02
CAO LG8 D . 20.92 14.74 -12.82
CAN LG8 D . 19.94 13.74 -12.70
CAM LG8 D . 19.54 12.76 -11.63
CAH LG8 D . 20.20 12.71 -10.29
CAE LG8 D . 20.47 13.90 -9.48
OAF LG8 D . 20.15 15.02 -9.79
NAD LG8 D . 21.08 13.56 -8.34
CAC LG8 D . 21.23 12.22 -8.34
OAB LG8 D . 21.76 11.54 -7.46
CAG LG8 D . 20.71 11.66 -9.59
CAL LG8 D . 20.72 10.21 -9.87
CAU LG8 D . 20.61 9.24 -8.94
CAK LG8 D . 20.82 9.52 -11.21
CAJ LG8 D . 20.96 9.93 -12.54
CAI LG8 D . 21.02 8.95 -13.52
CAQ LG8 D . 20.96 7.60 -13.17
CAR LG8 D . 20.83 7.18 -11.84
CAS LG8 D . 20.76 8.17 -10.86
NAT LG8 D . 20.62 8.05 -9.50
CBA LG8 D . 20.54 6.77 -8.78
CBF LG8 D . 16.79 10.10 -12.44
CBG LG8 D . 16.80 8.56 -12.10
NBH LG8 D . 16.22 7.62 -13.13
C6 LG8 D . 17.73 10.92 -11.50
CBI LG8 D . 17.27 6.93 -13.92
CBJ LG8 D . 15.16 6.69 -12.64
C1 MPD E . 3.83 -0.77 -10.64
C2 MPD E . 3.76 -0.02 -11.97
O2 MPD E . 2.44 -0.25 -12.49
CM MPD E . 4.80 -0.63 -12.92
C3 MPD E . 3.91 1.50 -11.85
C4 MPD E . 3.31 2.37 -12.98
O4 MPD E . 3.23 1.67 -14.18
C5 MPD E . 1.90 2.83 -12.64
#